data_7M33
#
_entry.id   7M33
#
_cell.length_a   1.00
_cell.length_b   1.00
_cell.length_c   1.00
_cell.angle_alpha   90.00
_cell.angle_beta   90.00
_cell.angle_gamma   90.00
#
_symmetry.space_group_name_H-M   'P 1'
#
loop_
_entity.id
_entity.type
_entity.pdbx_description
1 polymer 'Probable multidrug resistance ABC transporter ATP-binding/permease protein YheI'
2 polymer 'Probable multidrug resistance ABC transporter ATP-binding/permease protein YheH'
3 non-polymer "ADENOSINE-5'-TRIPHOSPHATE"
4 non-polymer "2'-(4-ETHOXYPHENYL)-5-(4-METHYL-1-PIPERAZINYL)-2,5'-BI-BENZIMIDAZOLE"
#
loop_
_entity_poly.entity_id
_entity_poly.type
_entity_poly.pdbx_seq_one_letter_code
_entity_poly.pdbx_strand_id
1 'polypeptide(L)'
;MGSSHHHHHHSSGLVPRGSHMLEFSVLKKLGWFFKAYWLRYTIAIVLLLAVNVIEMFPPKLLGNAIDDMKAGAFTAEGLL
FYIGIFFVLTAAVYIMSYFWMHQLFGGANLMEKILRTKLMGHLLTMSPPFYEKNRTGDLMARGTNDLQAVSLTTGFGILT
LVDSTMFMMTIFLTMGFLISWKLTFAAIIPLPVMAIAISLYGSKIHERFTEAQNAFGALNDRVLESVSGVRVIRAYVQET
NDVRRFNEMTADVYQKNMKVAFIDSLFEPTVKLLVGASYLIGLGYGAFLVFRNELTLGELVSFNVYLGMMIWPMFAIGEL
INVMQRGNASLDRVNETLSYETDVTDPKQPADLKEPGDIVFSHVSFTYPSSTSDNLQDISFTVRKGQTVGIAGKTGSGKT
TIIKQLLRQYPPGEGSITFSGVPIQQIPLDRLRGWIGYVPQDHLLFSRTVKENILYGKQDATDKEVQQAIAEAHFEKDLH
MLPSGLETMVGEKGVALSGGQKQRISIARALMANPEILILDQSLSAVDAKTEAAIIKNIRENRKGKTTFILTHRLSAVEH
ADLILVMDGGVIAERGTHQELLANNGWYREQYERQQLFTAEEGGAGA
;
C
2 'polypeptide(L)'
;MKIGKTLWRYALLYRKLLITAVLLLTVAVGAELTGPFIGKKMIDDHILGIEKTWYEAAEKDKNAVQFHGVSYVREDRLQE
PVSKAKEAHIYQVGMAFYFVDQAVSFDGNRTVSDGKLTITNGDKSRAYAAEKLTKQELFQFYQPEIKGMVLLIALYGGLL
VFSVFFQYGQHYLLQMSANRIIQKMRQDVFSHIQKMPIRYFDNLPAGKVVARITNDTEAIRDLYVTVLSTFVTSGIYMFG
IFTALFLLDVKLAFVALAIVPIIWLWSVIYRRYASYYNQKIRSINSDINAKMNESIQGMTIIQAFRHQKETMREFEELNE
SHFYFQNRMLNLNSLMSHNLVNVIRNLAFVALIWHFGGASLNAAGIVSIGVLYAFVDYLNRLFQPITGIVNQFSKLELAR
VSAGRVFELLEEKNTEEAGEPAKERALGRVEFRDVSFAYQEGEEVLKHISFTAQKGETVALVGHTGSGKSSILNLLFRFY
DAQKGDVLIDGKSIYNMSRQELRSHMGIVLQDPYLFSGTIGSNVSLDDERMTEEEIKNALRQVGAEPLLKKLPKGINEPV
IEKGSTLSSGERQLISFARALAFDPAILILDQATAHIDTETEAVIQKALDVVKQGRTTFVIAHRLSTIRNADQILVLDKG
EIVERGNHEELMALEGQYYQMYELQKGQKHSIALEHHHHHH
;
D
#
# COMPACT_ATOMS: atom_id res chain seq x y z
N PHE A 24 13.30 -22.73 -0.37
CA PHE A 24 13.40 -23.83 -1.31
C PHE A 24 12.22 -24.81 -1.20
N SER A 25 11.54 -24.81 -0.06
CA SER A 25 10.41 -25.73 0.14
C SER A 25 9.23 -25.38 -0.77
N VAL A 26 8.99 -24.09 -0.98
CA VAL A 26 7.84 -23.65 -1.77
C VAL A 26 7.89 -24.15 -3.20
N LEU A 27 9.10 -24.30 -3.75
CA LEU A 27 9.23 -24.81 -5.10
C LEU A 27 8.78 -26.27 -5.19
N LYS A 28 8.82 -27.01 -4.09
CA LYS A 28 8.24 -28.34 -4.09
C LYS A 28 6.71 -28.27 -4.11
N LYS A 29 6.14 -27.22 -3.51
CA LYS A 29 4.69 -27.11 -3.42
C LYS A 29 4.07 -26.73 -4.76
N LEU A 30 4.76 -25.93 -5.57
CA LEU A 30 4.27 -25.45 -6.85
C LEU A 30 4.69 -26.34 -8.00
N GLY A 31 4.85 -27.63 -7.77
CA GLY A 31 5.25 -28.53 -8.84
C GLY A 31 4.25 -28.61 -9.97
N TRP A 32 2.97 -28.37 -9.68
CA TRP A 32 1.97 -28.33 -10.73
C TRP A 32 2.22 -27.17 -11.69
N PHE A 33 2.69 -26.04 -11.16
CA PHE A 33 2.89 -24.87 -12.00
C PHE A 33 4.10 -25.06 -12.90
N PHE A 34 5.18 -25.60 -12.35
CA PHE A 34 6.36 -25.84 -13.15
C PHE A 34 6.16 -27.00 -14.12
N LYS A 35 5.41 -28.02 -13.71
CA LYS A 35 5.15 -29.13 -14.62
C LYS A 35 4.26 -28.69 -15.77
N ALA A 36 3.32 -27.79 -15.50
CA ALA A 36 2.47 -27.28 -16.56
C ALA A 36 3.24 -26.38 -17.51
N TYR A 37 4.24 -25.66 -17.01
CA TYR A 37 5.02 -24.68 -17.77
C TYR A 37 6.50 -25.03 -17.68
N TRP A 38 6.81 -26.30 -17.87
CA TRP A 38 8.20 -26.75 -17.85
C TRP A 38 9.01 -26.15 -18.99
N LEU A 39 8.37 -25.89 -20.13
CA LEU A 39 9.11 -25.44 -21.31
C LEU A 39 9.63 -24.03 -21.12
N ARG A 40 8.77 -23.15 -20.62
CA ARG A 40 9.15 -21.76 -20.36
C ARG A 40 10.29 -21.67 -19.37
N TYR A 41 10.16 -22.34 -18.23
CA TYR A 41 11.19 -22.25 -17.21
C TYR A 41 12.46 -22.97 -17.62
N THR A 42 12.34 -24.05 -18.38
CA THR A 42 13.53 -24.73 -18.87
C THR A 42 14.30 -23.85 -19.84
N ILE A 43 13.58 -23.21 -20.78
CA ILE A 43 14.22 -22.29 -21.72
C ILE A 43 14.86 -21.13 -20.99
N ALA A 44 14.17 -20.61 -19.97
CA ALA A 44 14.67 -19.45 -19.26
C ALA A 44 15.91 -19.78 -18.49
N ILE A 45 15.92 -20.93 -17.81
CA ILE A 45 17.08 -21.30 -17.04
C ILE A 45 18.23 -21.66 -17.97
N VAL A 46 17.95 -22.22 -19.14
CA VAL A 46 19.02 -22.51 -20.10
C VAL A 46 19.68 -21.23 -20.58
N LEU A 47 18.88 -20.26 -21.01
CA LEU A 47 19.43 -18.98 -21.44
C LEU A 47 20.11 -18.25 -20.29
N LEU A 48 19.60 -18.42 -19.08
CA LEU A 48 20.17 -17.75 -17.94
C LEU A 48 21.53 -18.31 -17.57
N LEU A 49 21.67 -19.64 -17.59
CA LEU A 49 22.99 -20.21 -17.37
C LEU A 49 23.93 -19.89 -18.51
N ALA A 50 23.41 -19.82 -19.73
CA ALA A 50 24.25 -19.50 -20.88
C ALA A 50 24.80 -18.10 -20.79
N VAL A 51 23.96 -17.13 -20.43
CA VAL A 51 24.43 -15.76 -20.33
C VAL A 51 25.25 -15.56 -19.07
N ASN A 52 25.00 -16.31 -18.00
CA ASN A 52 25.89 -16.25 -16.86
C ASN A 52 27.27 -16.79 -17.19
N VAL A 53 27.36 -17.72 -18.13
CA VAL A 53 28.66 -18.14 -18.64
C VAL A 53 29.25 -17.07 -19.55
N ILE A 54 28.44 -16.46 -20.41
CA ILE A 54 28.96 -15.52 -21.39
C ILE A 54 29.44 -14.23 -20.72
N GLU A 55 28.86 -13.84 -19.59
CA GLU A 55 29.35 -12.64 -18.93
C GLU A 55 30.76 -12.77 -18.39
N MET A 56 31.29 -13.98 -18.25
CA MET A 56 32.66 -14.15 -17.80
C MET A 56 33.69 -13.82 -18.88
N PHE A 57 33.30 -13.80 -20.14
CA PHE A 57 34.22 -13.59 -21.24
C PHE A 57 34.65 -12.14 -21.51
N PRO A 58 33.79 -11.12 -21.41
CA PRO A 58 34.24 -9.75 -21.66
C PRO A 58 35.35 -9.28 -20.72
N PRO A 59 35.27 -9.52 -19.42
CA PRO A 59 36.38 -9.07 -18.58
C PRO A 59 37.69 -9.80 -18.83
N LYS A 60 37.64 -11.10 -19.07
CA LYS A 60 38.84 -11.83 -19.39
C LYS A 60 39.40 -11.41 -20.73
N LEU A 61 38.53 -11.08 -21.69
CA LEU A 61 39.01 -10.59 -22.98
C LEU A 61 39.65 -9.23 -22.82
N LEU A 62 39.10 -8.39 -21.96
CA LEU A 62 39.73 -7.11 -21.65
C LEU A 62 41.10 -7.31 -21.04
N GLY A 63 41.21 -8.25 -20.10
CA GLY A 63 42.50 -8.55 -19.51
C GLY A 63 43.50 -9.10 -20.51
N ASN A 64 43.02 -9.95 -21.41
CA ASN A 64 43.88 -10.45 -22.48
C ASN A 64 44.32 -9.33 -23.40
N ALA A 65 43.43 -8.38 -23.66
CA ALA A 65 43.80 -7.21 -24.47
C ALA A 65 44.86 -6.37 -23.80
N ILE A 66 44.73 -6.16 -22.50
CA ILE A 66 45.77 -5.44 -21.76
C ILE A 66 47.10 -6.17 -21.85
N ASP A 67 47.08 -7.47 -21.64
CA ASP A 67 48.32 -8.24 -21.72
C ASP A 67 48.91 -8.22 -23.13
N ASP A 68 48.07 -8.18 -24.16
CA ASP A 68 48.57 -8.09 -25.53
C ASP A 68 49.15 -6.71 -25.81
N MET A 69 48.49 -5.66 -25.35
CA MET A 69 49.03 -4.31 -25.50
C MET A 69 50.38 -4.17 -24.81
N LYS A 70 50.50 -4.67 -23.59
CA LYS A 70 51.81 -4.69 -22.93
C LYS A 70 52.80 -5.52 -23.72
N ALA A 71 52.34 -6.60 -24.33
CA ALA A 71 53.22 -7.38 -25.18
C ALA A 71 53.47 -6.64 -26.49
N GLY A 72 54.57 -7.00 -27.13
CA GLY A 72 54.92 -6.36 -28.39
C GLY A 72 54.14 -6.81 -29.60
N ALA A 73 53.39 -7.91 -29.49
CA ALA A 73 52.71 -8.47 -30.65
C ALA A 73 51.36 -7.83 -30.94
N PHE A 74 51.04 -6.70 -30.33
CA PHE A 74 49.75 -6.09 -30.57
C PHE A 74 49.65 -5.53 -31.98
N THR A 75 48.48 -5.72 -32.58
CA THR A 75 48.22 -5.30 -33.95
C THR A 75 46.77 -4.87 -34.03
N ALA A 76 46.46 -4.10 -35.08
CA ALA A 76 45.10 -3.63 -35.28
C ALA A 76 44.14 -4.78 -35.55
N GLU A 77 44.63 -5.90 -36.09
CA GLU A 77 43.78 -7.07 -36.24
C GLU A 77 43.29 -7.57 -34.88
N GLY A 78 44.15 -7.51 -33.86
CA GLY A 78 43.71 -7.84 -32.52
C GLY A 78 42.66 -6.90 -31.98
N LEU A 79 42.83 -5.59 -32.25
CA LEU A 79 41.80 -4.62 -31.90
C LEU A 79 40.46 -4.95 -32.54
N LEU A 80 40.46 -5.20 -33.84
CA LEU A 80 39.21 -5.49 -34.53
C LEU A 80 38.59 -6.78 -34.01
N PHE A 81 39.42 -7.77 -33.67
CA PHE A 81 38.90 -9.02 -33.16
C PHE A 81 38.26 -8.83 -31.79
N TYR A 82 38.94 -8.14 -30.88
CA TYR A 82 38.36 -7.93 -29.55
C TYR A 82 37.12 -7.06 -29.62
N ILE A 83 37.13 -6.01 -30.44
CA ILE A 83 35.97 -5.15 -30.57
C ILE A 83 34.77 -5.93 -31.13
N GLY A 84 35.00 -6.70 -32.20
CA GLY A 84 33.91 -7.47 -32.77
C GLY A 84 33.38 -8.52 -31.83
N ILE A 85 34.27 -9.18 -31.08
CA ILE A 85 33.82 -10.18 -30.13
C ILE A 85 33.03 -9.53 -28.99
N PHE A 86 33.46 -8.35 -28.55
CA PHE A 86 32.68 -7.63 -27.54
C PHE A 86 31.29 -7.27 -28.05
N PHE A 87 31.19 -6.76 -29.27
CA PHE A 87 29.88 -6.45 -29.84
C PHE A 87 29.00 -7.69 -29.94
N VAL A 88 29.56 -8.81 -30.37
CA VAL A 88 28.78 -10.04 -30.48
C VAL A 88 28.29 -10.50 -29.11
N LEU A 89 29.19 -10.53 -28.12
CA LEU A 89 28.83 -10.96 -26.79
C LEU A 89 27.84 -10.02 -26.13
N THR A 90 28.01 -8.71 -26.34
CA THR A 90 27.07 -7.71 -25.87
C THR A 90 25.67 -7.94 -26.41
N ALA A 91 25.54 -8.07 -27.74
CA ALA A 91 24.23 -8.27 -28.33
C ALA A 91 23.62 -9.58 -27.89
N ALA A 92 24.44 -10.62 -27.74
CA ALA A 92 23.93 -11.90 -27.27
C ALA A 92 23.42 -11.79 -25.84
N VAL A 93 24.15 -11.08 -25.00
CA VAL A 93 23.74 -10.94 -23.61
C VAL A 93 22.46 -10.12 -23.53
N TYR A 94 22.35 -9.05 -24.30
CA TYR A 94 21.11 -8.27 -24.34
C TYR A 94 19.92 -9.10 -24.81
N ILE A 95 20.08 -9.82 -25.91
CA ILE A 95 18.96 -10.56 -26.47
C ILE A 95 18.57 -11.71 -25.55
N MET A 96 19.53 -12.50 -25.11
CA MET A 96 19.24 -13.58 -24.19
C MET A 96 18.71 -13.06 -22.86
N SER A 97 19.16 -11.88 -22.44
CA SER A 97 18.65 -11.28 -21.22
C SER A 97 17.20 -10.91 -21.37
N TYR A 98 16.84 -10.31 -22.50
CA TYR A 98 15.45 -10.01 -22.79
C TYR A 98 14.62 -11.27 -22.77
N PHE A 99 15.13 -12.35 -23.32
CA PHE A 99 14.28 -13.53 -23.44
C PHE A 99 14.12 -14.24 -22.12
N TRP A 100 15.17 -14.38 -21.32
CA TRP A 100 14.96 -15.03 -20.04
C TRP A 100 14.14 -14.15 -19.10
N MET A 101 14.28 -12.82 -19.18
CA MET A 101 13.45 -11.95 -18.37
C MET A 101 12.00 -12.11 -18.75
N HIS A 102 11.74 -12.13 -20.04
CA HIS A 102 10.39 -12.32 -20.54
C HIS A 102 9.81 -13.64 -20.09
N GLN A 103 10.58 -14.71 -20.20
CA GLN A 103 10.07 -16.04 -19.87
C GLN A 103 9.80 -16.17 -18.38
N LEU A 104 10.80 -15.85 -17.54
CA LEU A 104 10.62 -15.97 -16.09
C LEU A 104 9.54 -15.02 -15.57
N PHE A 105 9.69 -13.72 -15.80
CA PHE A 105 8.75 -12.81 -15.21
C PHE A 105 7.40 -12.86 -15.88
N GLY A 106 7.32 -13.34 -17.11
CA GLY A 106 6.04 -13.66 -17.67
C GLY A 106 5.43 -14.84 -16.95
N GLY A 107 6.26 -15.78 -16.52
CA GLY A 107 5.77 -16.86 -15.69
C GLY A 107 5.27 -16.38 -14.35
N ALA A 108 5.91 -15.38 -13.81
CA ALA A 108 5.47 -14.84 -12.53
C ALA A 108 4.13 -14.13 -12.65
N ASN A 109 4.01 -13.24 -13.63
CA ASN A 109 2.74 -12.57 -13.88
C ASN A 109 1.65 -13.56 -14.24
N LEU A 110 2.02 -14.64 -14.91
CA LEU A 110 1.09 -15.67 -15.28
C LEU A 110 0.65 -16.49 -14.07
N MET A 111 1.53 -16.71 -13.12
CA MET A 111 1.13 -17.36 -11.88
C MET A 111 0.20 -16.47 -11.08
N GLU A 112 0.45 -15.18 -11.10
CA GLU A 112 -0.45 -14.25 -10.44
C GLU A 112 -1.83 -14.29 -11.07
N LYS A 113 -1.88 -14.34 -12.40
CA LYS A 113 -3.16 -14.50 -13.11
C LYS A 113 -3.84 -15.79 -12.72
N ILE A 114 -3.10 -16.89 -12.67
CA ILE A 114 -3.67 -18.19 -12.39
C ILE A 114 -4.19 -18.26 -10.96
N LEU A 115 -3.47 -17.69 -10.02
CA LEU A 115 -3.92 -17.73 -8.65
C LEU A 115 -5.09 -16.81 -8.41
N ARG A 116 -5.15 -15.66 -9.10
CA ARG A 116 -6.34 -14.84 -9.02
C ARG A 116 -7.55 -15.59 -9.55
N THR A 117 -7.36 -16.29 -10.67
CA THR A 117 -8.44 -17.09 -11.25
C THR A 117 -8.88 -18.20 -10.32
N LYS A 118 -7.92 -18.91 -9.72
CA LYS A 118 -8.24 -20.00 -8.81
C LYS A 118 -8.94 -19.50 -7.56
N LEU A 119 -8.47 -18.40 -7.00
CA LEU A 119 -9.07 -17.87 -5.79
C LEU A 119 -10.48 -17.39 -6.06
N MET A 120 -10.70 -16.72 -7.18
CA MET A 120 -12.03 -16.25 -7.48
C MET A 120 -12.97 -17.40 -7.79
N GLY A 121 -12.52 -18.38 -8.54
CA GLY A 121 -13.36 -19.54 -8.79
C GLY A 121 -13.68 -20.32 -7.55
N HIS A 122 -12.78 -20.29 -6.56
CA HIS A 122 -13.08 -20.88 -5.28
C HIS A 122 -14.14 -20.10 -4.52
N LEU A 123 -13.96 -18.78 -4.44
CA LEU A 123 -14.92 -17.93 -3.73
C LEU A 123 -16.30 -18.00 -4.32
N LEU A 124 -16.40 -18.12 -5.65
CA LEU A 124 -17.72 -18.22 -6.28
C LEU A 124 -18.45 -19.49 -5.87
N THR A 125 -17.72 -20.60 -5.76
CA THR A 125 -18.30 -21.90 -5.43
C THR A 125 -18.26 -22.18 -3.94
N MET A 126 -18.41 -21.14 -3.11
CA MET A 126 -18.31 -21.26 -1.67
C MET A 126 -19.44 -20.47 -1.02
N SER A 127 -20.02 -21.09 0.00
CA SER A 127 -21.25 -20.67 0.62
C SER A 127 -20.97 -19.69 1.74
N PRO A 128 -22.01 -19.05 2.31
CA PRO A 128 -21.84 -18.09 3.44
C PRO A 128 -20.93 -18.53 4.58
N PRO A 129 -21.02 -19.82 5.09
CA PRO A 129 -20.11 -20.31 6.14
C PRO A 129 -18.63 -19.91 6.07
N PHE A 130 -18.09 -19.87 4.86
CA PHE A 130 -16.69 -19.57 4.69
C PHE A 130 -16.43 -18.10 4.95
N TYR A 131 -17.37 -17.25 4.56
CA TYR A 131 -17.27 -15.82 4.83
C TYR A 131 -17.60 -15.53 6.28
N GLU A 132 -18.47 -16.31 6.90
CA GLU A 132 -18.74 -16.16 8.32
C GLU A 132 -17.50 -16.47 9.14
N LYS A 133 -16.75 -17.49 8.76
CA LYS A 133 -15.45 -17.74 9.39
C LYS A 133 -14.43 -16.70 8.96
N ASN A 134 -14.07 -16.68 7.68
CA ASN A 134 -13.03 -15.82 7.15
C ASN A 134 -13.59 -14.47 6.74
N ARG A 135 -13.15 -13.42 7.41
CA ARG A 135 -13.59 -12.07 7.08
C ARG A 135 -13.16 -11.68 5.68
N THR A 136 -13.89 -10.71 5.12
CA THR A 136 -13.60 -10.18 3.79
C THR A 136 -12.19 -9.60 3.71
N GLY A 137 -11.73 -8.98 4.79
CA GLY A 137 -10.41 -8.37 4.77
C GLY A 137 -9.30 -9.38 4.56
N ASP A 138 -9.42 -10.55 5.19
CA ASP A 138 -8.38 -11.56 5.05
C ASP A 138 -8.37 -12.15 3.64
N LEU A 139 -9.55 -12.44 3.08
CA LEU A 139 -9.61 -12.97 1.73
C LEU A 139 -9.11 -11.98 0.70
N MET A 140 -9.51 -10.72 0.83
CA MET A 140 -9.02 -9.69 -0.08
C MET A 140 -7.52 -9.46 0.13
N ALA A 141 -7.00 -9.73 1.32
CA ALA A 141 -5.56 -9.64 1.54
C ALA A 141 -4.84 -10.79 0.86
N ARG A 142 -5.43 -11.97 0.87
CA ARG A 142 -4.86 -13.12 0.17
C ARG A 142 -4.78 -12.87 -1.32
N GLY A 143 -5.74 -12.15 -1.87
CA GLY A 143 -5.73 -11.86 -3.29
C GLY A 143 -4.69 -10.84 -3.72
N THR A 144 -4.14 -10.07 -2.77
CA THR A 144 -3.23 -8.97 -3.06
C THR A 144 -1.81 -9.26 -2.65
N ASN A 145 -1.57 -9.55 -1.38
CA ASN A 145 -0.20 -9.71 -0.89
C ASN A 145 0.32 -11.11 -1.15
N ASP A 146 -0.49 -12.12 -0.87
CA ASP A 146 -0.03 -13.50 -0.97
C ASP A 146 0.23 -13.91 -2.41
N LEU A 147 -0.63 -13.50 -3.34
CA LEU A 147 -0.39 -13.84 -4.73
C LEU A 147 0.82 -13.13 -5.27
N GLN A 148 1.02 -11.89 -4.85
CA GLN A 148 2.20 -11.17 -5.26
C GLN A 148 3.47 -11.83 -4.70
N ALA A 149 3.41 -12.34 -3.48
CA ALA A 149 4.55 -13.05 -2.92
C ALA A 149 4.84 -14.35 -3.66
N VAL A 150 3.80 -15.11 -3.98
CA VAL A 150 3.98 -16.38 -4.69
C VAL A 150 4.55 -16.12 -6.07
N SER A 151 4.01 -15.14 -6.77
CA SER A 151 4.52 -14.78 -8.07
C SER A 151 5.94 -14.26 -8.01
N LEU A 152 6.29 -13.61 -6.91
CA LEU A 152 7.66 -13.18 -6.71
C LEU A 152 8.60 -14.36 -6.59
N THR A 153 8.15 -15.43 -5.95
CA THR A 153 8.99 -16.61 -5.83
C THR A 153 9.18 -17.31 -7.16
N THR A 154 8.12 -17.47 -7.94
CA THR A 154 8.27 -18.13 -9.23
C THR A 154 9.14 -17.36 -10.21
N GLY A 155 9.30 -16.05 -10.03
CA GLY A 155 10.08 -15.17 -10.86
C GLY A 155 11.41 -14.87 -10.22
N PHE A 156 11.46 -13.76 -9.51
CA PHE A 156 12.68 -13.27 -8.85
C PHE A 156 13.30 -14.30 -7.90
N GLY A 157 12.50 -15.18 -7.31
CA GLY A 157 13.06 -16.18 -6.42
C GLY A 157 13.92 -17.19 -7.15
N ILE A 158 13.44 -17.68 -8.28
CA ILE A 158 14.22 -18.58 -9.13
C ILE A 158 15.46 -17.87 -9.62
N LEU A 159 15.33 -16.59 -9.92
CA LEU A 159 16.46 -15.83 -10.40
C LEU A 159 17.54 -15.66 -9.34
N THR A 160 17.15 -15.38 -8.11
CA THR A 160 18.14 -15.27 -7.05
C THR A 160 18.71 -16.61 -6.67
N LEU A 161 17.95 -17.67 -6.83
CA LEU A 161 18.50 -19.01 -6.62
C LEU A 161 19.56 -19.31 -7.64
N VAL A 162 19.35 -18.84 -8.88
CA VAL A 162 20.34 -19.06 -9.92
C VAL A 162 21.56 -18.16 -9.73
N ASP A 163 21.32 -16.88 -9.44
CA ASP A 163 22.42 -15.93 -9.32
C ASP A 163 23.19 -16.06 -8.04
N SER A 164 22.61 -16.66 -7.00
CA SER A 164 23.33 -16.89 -5.76
C SER A 164 24.22 -18.11 -5.82
N THR A 165 23.78 -19.16 -6.52
CA THR A 165 24.52 -20.41 -6.63
C THR A 165 25.35 -20.47 -7.90
N MET A 166 24.72 -20.38 -9.06
CA MET A 166 25.42 -20.67 -10.30
C MET A 166 26.26 -19.51 -10.77
N PHE A 167 25.75 -18.30 -10.67
CA PHE A 167 26.52 -17.13 -11.06
C PHE A 167 27.65 -16.87 -10.08
N MET A 168 27.38 -17.05 -8.80
CA MET A 168 28.40 -16.85 -7.79
C MET A 168 29.50 -17.88 -7.93
N MET A 169 29.13 -19.16 -8.08
CA MET A 169 30.14 -20.19 -8.24
C MET A 169 30.84 -20.10 -9.58
N THR A 170 30.17 -19.63 -10.62
CA THR A 170 30.83 -19.43 -11.90
C THR A 170 31.85 -18.32 -11.81
N ILE A 171 31.49 -17.23 -11.17
CA ILE A 171 32.43 -16.14 -10.91
C ILE A 171 33.61 -16.64 -10.09
N PHE A 172 33.33 -17.43 -9.07
CA PHE A 172 34.37 -17.95 -8.20
C PHE A 172 35.31 -18.87 -8.95
N LEU A 173 34.77 -19.80 -9.72
CA LEU A 173 35.61 -20.74 -10.44
C LEU A 173 36.39 -20.06 -11.55
N THR A 174 35.81 -19.06 -12.20
CA THR A 174 36.55 -18.33 -13.20
C THR A 174 37.68 -17.54 -12.58
N MET A 175 37.41 -16.86 -11.46
CA MET A 175 38.44 -16.15 -10.74
C MET A 175 39.53 -17.10 -10.25
N GLY A 176 39.16 -18.32 -9.92
CA GLY A 176 40.14 -19.27 -9.46
C GLY A 176 41.03 -19.80 -10.56
N PHE A 177 40.41 -20.38 -11.59
CA PHE A 177 41.18 -21.02 -12.64
C PHE A 177 41.81 -19.99 -13.56
N LEU A 178 40.99 -19.15 -14.16
CA LEU A 178 41.47 -18.32 -15.25
C LEU A 178 42.32 -17.14 -14.78
N ILE A 179 42.32 -16.82 -13.48
CA ILE A 179 43.08 -15.69 -12.96
C ILE A 179 44.05 -16.17 -11.88
N SER A 180 43.53 -16.60 -10.74
CA SER A 180 44.36 -17.05 -9.62
C SER A 180 43.52 -17.56 -8.47
N TRP A 181 44.02 -18.57 -7.77
CA TRP A 181 43.34 -19.11 -6.60
C TRP A 181 43.71 -18.39 -5.32
N LYS A 182 44.97 -17.97 -5.18
CA LYS A 182 45.37 -17.24 -3.98
C LYS A 182 44.67 -15.90 -3.88
N LEU A 183 44.72 -15.13 -4.97
CA LEU A 183 43.98 -13.88 -5.10
C LEU A 183 42.51 -14.06 -4.83
N THR A 184 41.93 -15.11 -5.40
CA THR A 184 40.50 -15.35 -5.27
C THR A 184 40.11 -15.61 -3.83
N PHE A 185 40.81 -16.52 -3.16
CA PHE A 185 40.46 -16.83 -1.78
C PHE A 185 40.79 -15.68 -0.84
N ALA A 186 41.77 -14.85 -1.17
CA ALA A 186 42.05 -13.71 -0.34
C ALA A 186 40.96 -12.65 -0.45
N ALA A 187 40.55 -12.36 -1.69
CA ALA A 187 39.62 -11.26 -1.97
C ALA A 187 38.19 -11.57 -1.59
N ILE A 188 37.81 -12.84 -1.61
CA ILE A 188 36.43 -13.26 -1.35
C ILE A 188 36.14 -13.40 0.13
N ILE A 189 37.14 -13.28 1.01
CA ILE A 189 36.92 -13.43 2.46
C ILE A 189 35.91 -12.43 3.02
N PRO A 190 35.94 -11.14 2.65
CA PRO A 190 34.92 -10.22 3.18
C PRO A 190 33.53 -10.41 2.63
N LEU A 191 33.36 -10.91 1.42
CA LEU A 191 32.03 -11.02 0.84
C LEU A 191 31.02 -11.87 1.62
N PRO A 192 31.33 -13.05 2.12
CA PRO A 192 30.38 -13.71 3.02
C PRO A 192 30.10 -12.94 4.30
N VAL A 193 31.08 -12.19 4.81
CA VAL A 193 30.80 -11.31 5.94
C VAL A 193 29.76 -10.28 5.54
N MET A 194 29.88 -9.74 4.32
CA MET A 194 28.85 -8.86 3.78
C MET A 194 27.51 -9.56 3.69
N ALA A 195 27.49 -10.82 3.27
CA ALA A 195 26.24 -11.56 3.13
C ALA A 195 25.53 -11.74 4.47
N ILE A 196 26.26 -12.21 5.48
CA ILE A 196 25.65 -12.42 6.78
C ILE A 196 25.31 -11.08 7.44
N ALA A 197 26.09 -10.04 7.19
CA ALA A 197 25.76 -8.72 7.72
C ALA A 197 24.50 -8.17 7.07
N ILE A 198 24.33 -8.41 5.77
CA ILE A 198 23.12 -7.97 5.09
C ILE A 198 21.92 -8.72 5.62
N SER A 199 22.08 -10.01 5.93
CA SER A 199 20.96 -10.75 6.51
C SER A 199 20.61 -10.20 7.88
N LEU A 200 21.62 -9.91 8.70
CA LEU A 200 21.38 -9.36 10.02
C LEU A 200 20.71 -7.99 9.98
N TYR A 201 21.28 -7.06 9.19
CA TYR A 201 20.68 -5.73 9.07
C TYR A 201 19.31 -5.80 8.43
N GLY A 202 19.09 -6.71 7.48
CA GLY A 202 17.77 -6.87 6.91
C GLY A 202 16.76 -7.31 7.94
N SER A 203 17.14 -8.24 8.80
CA SER A 203 16.25 -8.68 9.86
C SER A 203 15.93 -7.55 10.84
N LYS A 204 16.96 -6.82 11.27
CA LYS A 204 16.73 -5.74 12.22
C LYS A 204 15.95 -4.58 11.60
N ILE A 205 16.16 -4.30 10.32
CA ILE A 205 15.36 -3.30 9.63
C ILE A 205 13.92 -3.74 9.58
N HIS A 206 13.67 -5.04 9.37
CA HIS A 206 12.30 -5.53 9.33
C HIS A 206 11.63 -5.38 10.69
N GLU A 207 12.36 -5.65 11.77
CA GLU A 207 11.78 -5.49 13.09
C GLU A 207 11.44 -4.02 13.38
N ARG A 208 12.40 -3.13 13.15
CA ARG A 208 12.18 -1.72 13.47
C ARG A 208 11.20 -1.07 12.52
N PHE A 209 11.13 -1.51 11.27
CA PHE A 209 10.14 -1.00 10.36
C PHE A 209 8.75 -1.48 10.74
N THR A 210 8.63 -2.70 11.26
CA THR A 210 7.34 -3.13 11.77
C THR A 210 6.91 -2.29 12.96
N GLU A 211 7.86 -1.95 13.84
CA GLU A 211 7.53 -1.10 14.98
C GLU A 211 7.08 0.29 14.56
N ALA A 212 7.83 0.92 13.64
CA ALA A 212 7.44 2.24 13.16
C ALA A 212 6.15 2.20 12.37
N GLN A 213 5.88 1.12 11.65
CA GLN A 213 4.63 1.00 10.94
C GLN A 213 3.47 0.86 11.92
N ASN A 214 3.69 0.19 13.04
CA ASN A 214 2.66 0.16 14.07
C ASN A 214 2.41 1.55 14.64
N ALA A 215 3.47 2.33 14.82
CA ALA A 215 3.31 3.71 15.30
C ALA A 215 2.55 4.57 14.30
N PHE A 216 2.85 4.41 13.02
CA PHE A 216 2.13 5.14 11.99
C PHE A 216 0.67 4.72 11.94
N GLY A 217 0.40 3.44 12.12
CA GLY A 217 -0.99 3.00 12.20
C GLY A 217 -1.72 3.60 13.38
N ALA A 218 -1.02 3.74 14.51
CA ALA A 218 -1.61 4.40 15.67
C ALA A 218 -1.92 5.86 15.36
N LEU A 219 -1.01 6.52 14.67
CA LEU A 219 -1.24 7.91 14.24
C LEU A 219 -2.45 8.01 13.33
N ASN A 220 -2.58 7.09 12.39
CA ASN A 220 -3.70 7.10 11.48
C ASN A 220 -5.01 6.86 12.22
N ASP A 221 -4.99 5.95 13.19
CA ASP A 221 -6.19 5.70 13.99
C ASP A 221 -6.59 6.93 14.80
N ARG A 222 -5.63 7.60 15.41
CA ARG A 222 -5.94 8.78 16.21
C ARG A 222 -6.43 9.93 15.34
N VAL A 223 -5.85 10.09 14.15
CA VAL A 223 -6.30 11.17 13.28
C VAL A 223 -7.70 10.87 12.76
N LEU A 224 -8.01 9.61 12.49
CA LEU A 224 -9.35 9.27 12.05
C LEU A 224 -10.36 9.46 13.16
N GLU A 225 -9.96 9.16 14.39
CA GLU A 225 -10.83 9.40 15.53
C GLU A 225 -11.08 10.90 15.70
N SER A 226 -10.06 11.73 15.51
CA SER A 226 -10.23 13.16 15.65
C SER A 226 -11.09 13.73 14.53
N VAL A 227 -10.93 13.22 13.32
CA VAL A 227 -11.69 13.73 12.18
C VAL A 227 -13.15 13.32 12.30
N SER A 228 -13.42 12.05 12.58
CA SER A 228 -14.79 11.61 12.72
C SER A 228 -15.46 12.27 13.92
N GLY A 229 -14.72 12.44 15.00
CA GLY A 229 -15.20 13.11 16.20
C GLY A 229 -14.86 14.57 16.25
N VAL A 230 -14.76 15.20 15.07
CA VAL A 230 -14.43 16.62 15.01
C VAL A 230 -15.52 17.49 15.62
N ARG A 231 -16.78 17.09 15.47
CA ARG A 231 -17.86 17.83 16.12
C ARG A 231 -17.72 17.81 17.64
N VAL A 232 -17.28 16.68 18.19
CA VAL A 232 -17.09 16.59 19.63
C VAL A 232 -15.86 17.37 20.06
N ILE A 233 -14.80 17.33 19.27
CA ILE A 233 -13.59 18.08 19.60
C ILE A 233 -13.82 19.57 19.49
N ARG A 234 -14.74 20.00 18.62
CA ARG A 234 -15.11 21.40 18.55
C ARG A 234 -16.10 21.80 19.64
N ALA A 235 -17.04 20.91 19.96
CA ALA A 235 -18.07 21.21 20.93
C ALA A 235 -17.47 21.46 22.30
N TYR A 236 -16.84 20.45 22.87
CA TYR A 236 -16.00 20.64 24.03
C TYR A 236 -14.69 21.21 23.55
N VAL A 237 -14.27 22.33 24.13
CA VAL A 237 -13.21 23.13 23.51
C VAL A 237 -11.87 22.44 23.73
N GLN A 238 -11.51 21.59 22.77
CA GLN A 238 -10.26 20.89 22.72
C GLN A 238 -9.65 20.98 21.32
N GLU A 239 -9.94 22.08 20.62
CA GLU A 239 -9.50 22.22 19.25
C GLU A 239 -7.98 22.36 19.17
N THR A 240 -7.44 23.42 19.77
CA THR A 240 -6.02 23.72 19.75
C THR A 240 -5.32 23.31 21.05
N ASN A 241 -5.96 22.47 21.85
CA ASN A 241 -5.51 22.16 23.20
C ASN A 241 -5.02 20.72 23.33
N ASP A 242 -5.86 19.75 22.97
CA ASP A 242 -5.59 18.35 23.23
C ASP A 242 -5.27 17.55 21.98
N VAL A 243 -6.06 17.69 20.92
CA VAL A 243 -5.80 16.90 19.71
C VAL A 243 -4.54 17.39 19.02
N ARG A 244 -4.24 18.68 19.12
CA ARG A 244 -2.96 19.17 18.62
C ARG A 244 -1.81 18.55 19.40
N ARG A 245 -1.95 18.42 20.71
CA ARG A 245 -0.92 17.78 21.51
C ARG A 245 -0.80 16.30 21.18
N PHE A 246 -1.92 15.64 20.92
CA PHE A 246 -1.89 14.23 20.58
C PHE A 246 -1.21 14.02 19.23
N ASN A 247 -1.55 14.82 18.22
CA ASN A 247 -0.91 14.66 16.93
C ASN A 247 0.56 15.03 16.99
N GLU A 248 0.92 16.04 17.78
CA GLU A 248 2.32 16.38 17.92
C GLU A 248 3.10 15.28 18.62
N MET A 249 2.55 14.70 19.68
CA MET A 249 3.25 13.63 20.38
C MET A 249 3.35 12.37 19.53
N THR A 250 2.28 12.02 18.83
CA THR A 250 2.32 10.85 17.98
C THR A 250 3.19 11.08 16.75
N ALA A 251 3.33 12.33 16.30
CA ALA A 251 4.27 12.61 15.24
C ALA A 251 5.70 12.55 15.74
N ASP A 252 5.92 12.91 16.99
CA ASP A 252 7.23 12.67 17.61
C ASP A 252 7.51 11.19 17.79
N VAL A 253 6.48 10.37 17.89
CA VAL A 253 6.66 8.92 17.95
C VAL A 253 6.93 8.36 16.56
N TYR A 254 6.25 8.87 15.53
CA TYR A 254 6.55 8.51 14.15
C TYR A 254 7.92 9.02 13.71
N GLN A 255 8.46 10.05 14.38
CA GLN A 255 9.84 10.50 14.24
C GLN A 255 10.85 9.47 14.76
N LYS A 256 10.41 8.40 15.42
CA LYS A 256 11.27 7.32 15.86
C LYS A 256 11.51 6.28 14.75
N ASN A 257 11.29 6.68 13.49
CA ASN A 257 11.84 6.04 12.32
C ASN A 257 13.31 6.36 12.15
N MET A 258 13.87 7.24 12.98
CA MET A 258 15.31 7.35 13.12
C MET A 258 15.96 6.08 13.67
N LYS A 259 15.24 5.32 14.48
CA LYS A 259 15.73 4.01 14.89
C LYS A 259 15.87 3.09 13.70
N VAL A 260 15.02 3.26 12.69
CA VAL A 260 15.19 2.53 11.44
C VAL A 260 16.36 3.11 10.67
N ALA A 261 16.54 4.41 10.70
CA ALA A 261 17.59 5.03 9.90
C ALA A 261 18.97 4.66 10.40
N PHE A 262 19.12 4.47 11.71
CA PHE A 262 20.40 4.06 12.28
C PHE A 262 20.86 2.72 11.72
N ILE A 263 19.92 1.82 11.41
CA ILE A 263 20.24 0.54 10.82
C ILE A 263 20.27 0.60 9.30
N ASP A 264 19.45 1.43 8.68
CA ASP A 264 19.47 1.56 7.24
C ASP A 264 20.78 2.18 6.75
N SER A 265 21.28 3.16 7.46
CA SER A 265 22.51 3.83 7.12
C SER A 265 23.77 3.02 7.40
N LEU A 266 23.67 1.83 7.98
CA LEU A 266 24.75 0.85 8.00
C LEU A 266 24.70 -0.12 6.84
N PHE A 267 23.75 0.01 5.93
CA PHE A 267 23.59 -0.93 4.84
C PHE A 267 24.55 -0.60 3.70
N GLU A 268 24.53 0.66 3.26
CA GLU A 268 25.49 1.09 2.24
C GLU A 268 26.92 1.12 2.73
N PRO A 269 27.28 1.77 3.85
CA PRO A 269 28.69 1.85 4.22
C PRO A 269 29.35 0.54 4.58
N THR A 270 28.64 -0.39 5.21
CA THR A 270 29.18 -1.73 5.42
C THR A 270 29.55 -2.38 4.10
N VAL A 271 28.64 -2.32 3.14
CA VAL A 271 28.89 -2.84 1.80
C VAL A 271 30.10 -2.17 1.18
N LYS A 272 30.14 -0.84 1.20
CA LYS A 272 31.26 -0.10 0.63
C LYS A 272 32.56 -0.45 1.30
N LEU A 273 32.56 -0.56 2.62
CA LEU A 273 33.75 -0.94 3.36
C LEU A 273 34.27 -2.31 2.97
N LEU A 274 33.39 -3.31 2.97
CA LEU A 274 33.81 -4.66 2.66
C LEU A 274 34.21 -4.80 1.20
N VAL A 275 33.44 -4.23 0.28
CA VAL A 275 33.79 -4.27 -1.13
C VAL A 275 35.09 -3.52 -1.40
N GLY A 276 35.27 -2.36 -0.80
CA GLY A 276 36.50 -1.63 -0.97
C GLY A 276 37.70 -2.38 -0.42
N ALA A 277 37.51 -3.05 0.71
CA ALA A 277 38.55 -3.92 1.22
C ALA A 277 38.84 -5.05 0.26
N SER A 278 37.82 -5.61 -0.37
CA SER A 278 38.02 -6.69 -1.32
C SER A 278 38.79 -6.21 -2.55
N TYR A 279 38.38 -5.07 -3.11
CA TYR A 279 39.15 -4.44 -4.17
C TYR A 279 40.58 -4.17 -3.74
N LEU A 280 40.78 -3.73 -2.52
CA LEU A 280 42.11 -3.37 -2.06
C LEU A 280 42.97 -4.60 -1.87
N ILE A 281 42.40 -5.68 -1.38
CA ILE A 281 43.08 -6.96 -1.32
C ILE A 281 43.46 -7.42 -2.71
N GLY A 282 42.51 -7.36 -3.64
CA GLY A 282 42.79 -7.75 -5.01
C GLY A 282 43.90 -6.94 -5.63
N LEU A 283 43.83 -5.62 -5.49
CA LEU A 283 44.90 -4.74 -5.95
C LEU A 283 46.24 -5.04 -5.31
N GLY A 284 46.30 -5.08 -3.98
CA GLY A 284 47.57 -5.28 -3.29
C GLY A 284 48.19 -6.64 -3.58
N TYR A 285 47.43 -7.70 -3.34
CA TYR A 285 47.93 -9.04 -3.60
C TYR A 285 48.22 -9.25 -5.08
N GLY A 286 47.42 -8.66 -5.97
CA GLY A 286 47.74 -8.73 -7.38
C GLY A 286 49.01 -7.99 -7.73
N ALA A 287 49.24 -6.86 -7.08
CA ALA A 287 50.46 -6.10 -7.29
C ALA A 287 51.68 -6.77 -6.67
N PHE A 288 51.47 -7.68 -5.72
CA PHE A 288 52.53 -8.45 -5.11
C PHE A 288 52.80 -9.70 -5.91
N LEU A 289 51.76 -10.27 -6.51
CA LEU A 289 51.88 -11.43 -7.37
C LEU A 289 52.44 -11.08 -8.73
N VAL A 290 52.15 -9.88 -9.22
CA VAL A 290 52.75 -9.43 -10.47
C VAL A 290 54.24 -9.24 -10.27
N PHE A 291 54.64 -8.83 -9.07
CA PHE A 291 56.05 -8.74 -8.74
C PHE A 291 56.68 -10.11 -8.77
N ARG A 292 56.00 -11.10 -8.19
CA ARG A 292 56.46 -12.49 -8.22
C ARG A 292 56.19 -13.20 -9.54
N ASN A 293 55.66 -12.49 -10.55
CA ASN A 293 55.38 -13.07 -11.86
C ASN A 293 54.39 -14.22 -11.80
N GLU A 294 53.44 -14.14 -10.88
CA GLU A 294 52.30 -15.04 -10.82
C GLU A 294 51.04 -14.46 -11.45
N LEU A 295 51.06 -13.19 -11.85
CA LEU A 295 49.93 -12.57 -12.52
C LEU A 295 50.43 -11.49 -13.46
N THR A 296 49.56 -11.08 -14.35
CA THR A 296 49.76 -9.97 -15.24
C THR A 296 48.84 -8.84 -14.78
N LEU A 297 48.93 -7.70 -15.45
CA LEU A 297 48.05 -6.60 -15.13
C LEU A 297 46.62 -6.88 -15.55
N GLY A 298 46.45 -7.44 -16.74
CA GLY A 298 45.11 -7.65 -17.24
C GLY A 298 44.30 -8.64 -16.43
N GLU A 299 44.95 -9.66 -15.89
CA GLU A 299 44.24 -10.58 -15.01
C GLU A 299 43.79 -9.89 -13.74
N LEU A 300 44.60 -8.96 -13.24
CA LEU A 300 44.23 -8.17 -12.07
C LEU A 300 43.03 -7.27 -12.34
N VAL A 301 43.05 -6.60 -13.49
CA VAL A 301 41.92 -5.76 -13.90
C VAL A 301 40.66 -6.60 -14.04
N SER A 302 40.77 -7.76 -14.66
CA SER A 302 39.64 -8.64 -14.80
C SER A 302 39.13 -9.12 -13.45
N PHE A 303 40.03 -9.31 -12.50
CA PHE A 303 39.62 -9.61 -11.15
C PHE A 303 38.77 -8.51 -10.54
N ASN A 304 39.20 -7.26 -10.67
CA ASN A 304 38.36 -6.17 -10.14
C ASN A 304 37.01 -6.07 -10.84
N VAL A 305 36.95 -6.49 -12.09
CA VAL A 305 35.67 -6.53 -12.78
C VAL A 305 34.79 -7.64 -12.20
N TYR A 306 35.36 -8.83 -12.03
CA TYR A 306 34.58 -9.93 -11.49
C TYR A 306 34.17 -9.67 -10.06
N LEU A 307 34.97 -8.94 -9.31
CA LEU A 307 34.55 -8.53 -7.99
C LEU A 307 33.36 -7.61 -8.04
N GLY A 308 33.26 -6.78 -9.07
CA GLY A 308 32.06 -5.99 -9.23
C GLY A 308 30.86 -6.82 -9.62
N MET A 309 31.09 -7.87 -10.40
CA MET A 309 30.02 -8.81 -10.73
C MET A 309 29.52 -9.59 -9.52
N MET A 310 30.39 -9.88 -8.58
CA MET A 310 30.10 -10.75 -7.45
C MET A 310 29.26 -10.10 -6.35
N ILE A 311 29.06 -8.78 -6.37
CA ILE A 311 28.39 -8.11 -5.26
C ILE A 311 26.93 -8.52 -5.18
N TRP A 312 26.23 -8.50 -6.30
CA TRP A 312 24.80 -8.73 -6.31
C TRP A 312 24.37 -10.08 -5.75
N PRO A 313 25.07 -11.19 -6.02
CA PRO A 313 24.72 -12.46 -5.38
C PRO A 313 24.71 -12.46 -3.87
N MET A 314 25.59 -11.70 -3.24
CA MET A 314 25.65 -11.70 -1.79
C MET A 314 24.46 -10.98 -1.18
N PHE A 315 23.89 -10.01 -1.89
CA PHE A 315 22.57 -9.49 -1.53
C PHE A 315 21.48 -10.50 -1.85
N ALA A 316 21.63 -11.18 -2.98
CA ALA A 316 20.59 -12.07 -3.47
C ALA A 316 20.35 -13.25 -2.56
N ILE A 317 21.37 -13.68 -1.82
CA ILE A 317 21.18 -14.75 -0.86
C ILE A 317 20.16 -14.35 0.21
N GLY A 318 20.37 -13.20 0.82
CA GLY A 318 19.43 -12.73 1.82
C GLY A 318 18.06 -12.43 1.25
N GLU A 319 18.02 -11.84 0.06
CA GLU A 319 16.73 -11.55 -0.55
C GLU A 319 16.00 -12.82 -0.93
N LEU A 320 16.72 -13.86 -1.33
CA LEU A 320 16.09 -15.14 -1.63
C LEU A 320 15.53 -15.77 -0.38
N ILE A 321 16.26 -15.66 0.73
CA ILE A 321 15.78 -16.20 2.00
C ILE A 321 14.47 -15.54 2.39
N ASN A 322 14.44 -14.22 2.35
CA ASN A 322 13.22 -13.49 2.68
C ASN A 322 12.10 -13.81 1.71
N VAL A 323 12.42 -13.90 0.42
CA VAL A 323 11.41 -14.10 -0.61
C VAL A 323 10.79 -15.48 -0.50
N MET A 324 11.62 -16.52 -0.37
CA MET A 324 11.07 -17.86 -0.28
C MET A 324 10.33 -18.09 1.03
N GLN A 325 10.78 -17.47 2.12
CA GLN A 325 10.03 -17.62 3.37
C GLN A 325 8.68 -16.94 3.28
N ARG A 326 8.64 -15.72 2.76
CA ARG A 326 7.37 -15.02 2.60
C ARG A 326 6.47 -15.73 1.60
N GLY A 327 7.05 -16.34 0.58
CA GLY A 327 6.24 -17.05 -0.39
C GLY A 327 5.70 -18.37 0.11
N ASN A 328 6.49 -19.07 0.94
CA ASN A 328 5.97 -20.27 1.59
C ASN A 328 4.83 -19.93 2.52
N ALA A 329 4.98 -18.84 3.30
CA ALA A 329 3.90 -18.39 4.17
C ALA A 329 2.66 -18.03 3.38
N SER A 330 2.84 -17.29 2.29
CA SER A 330 1.72 -16.87 1.48
C SER A 330 1.03 -18.04 0.81
N LEU A 331 1.79 -19.00 0.32
CA LEU A 331 1.19 -20.15 -0.34
C LEU A 331 0.45 -21.04 0.67
N ASP A 332 0.99 -21.18 1.88
CA ASP A 332 0.24 -21.88 2.91
C ASP A 332 -1.06 -21.16 3.23
N ARG A 333 -0.99 -19.83 3.31
CA ARG A 333 -2.18 -19.04 3.58
C ARG A 333 -3.21 -19.15 2.46
N VAL A 334 -2.75 -19.24 1.22
CA VAL A 334 -3.69 -19.39 0.11
C VAL A 334 -4.32 -20.77 0.14
N ASN A 335 -3.51 -21.81 0.34
CA ASN A 335 -4.03 -23.16 0.31
C ASN A 335 -4.89 -23.48 1.52
N GLU A 336 -4.75 -22.74 2.62
CA GLU A 336 -5.66 -22.91 3.74
C GLU A 336 -7.09 -22.60 3.36
N THR A 337 -7.30 -21.67 2.41
CA THR A 337 -8.62 -21.35 1.89
C THR A 337 -8.96 -22.20 0.69
N LEU A 338 -8.01 -22.34 -0.22
CA LEU A 338 -8.26 -22.99 -1.50
C LEU A 338 -8.42 -24.50 -1.31
N SER A 339 -7.37 -25.15 -0.78
CA SER A 339 -7.35 -26.60 -0.67
C SER A 339 -7.94 -27.09 0.64
N TYR A 340 -7.83 -26.29 1.71
CA TYR A 340 -8.33 -26.66 3.03
C TYR A 340 -9.76 -26.20 3.26
N GLU A 341 -10.56 -26.07 2.20
CA GLU A 341 -11.97 -25.74 2.34
C GLU A 341 -12.74 -26.34 1.17
N THR A 342 -13.92 -26.89 1.47
CA THR A 342 -14.78 -27.51 0.49
C THR A 342 -16.23 -27.33 0.91
N ASP A 343 -17.08 -26.97 -0.05
CA ASP A 343 -18.49 -26.75 0.21
C ASP A 343 -19.25 -28.06 0.37
N VAL A 344 -20.15 -28.09 1.35
CA VAL A 344 -21.01 -29.27 1.57
C VAL A 344 -22.21 -29.10 0.65
N THR A 345 -22.01 -29.41 -0.63
CA THR A 345 -23.07 -29.29 -1.63
C THR A 345 -22.67 -30.18 -2.81
N ASP A 346 -23.42 -31.25 -3.03
CA ASP A 346 -23.08 -32.24 -4.05
C ASP A 346 -24.35 -32.89 -4.59
N PRO A 347 -24.96 -32.31 -5.65
CA PRO A 347 -25.99 -33.04 -6.39
C PRO A 347 -25.39 -34.18 -7.20
N LYS A 348 -25.08 -35.29 -6.53
CA LYS A 348 -24.32 -36.37 -7.16
C LYS A 348 -25.12 -37.12 -8.23
N GLN A 349 -26.46 -37.11 -8.17
CA GLN A 349 -27.29 -37.96 -9.03
C GLN A 349 -28.64 -37.30 -9.25
N PRO A 350 -28.69 -36.17 -9.96
CA PRO A 350 -29.97 -35.51 -10.24
C PRO A 350 -30.82 -36.33 -11.21
N ALA A 351 -32.03 -36.67 -10.78
CA ALA A 351 -32.98 -37.42 -11.61
C ALA A 351 -34.38 -36.81 -11.47
N ASP A 352 -34.44 -35.48 -11.38
CA ASP A 352 -35.66 -34.74 -11.05
C ASP A 352 -35.98 -33.75 -12.17
N LEU A 353 -37.12 -33.06 -11.99
CA LEU A 353 -37.63 -32.09 -12.94
C LEU A 353 -38.46 -31.09 -12.15
N LYS A 354 -38.75 -29.95 -12.79
CA LYS A 354 -39.49 -28.82 -12.22
C LYS A 354 -40.77 -29.24 -11.51
N GLU A 355 -40.77 -29.10 -10.16
CA GLU A 355 -41.75 -29.71 -9.26
C GLU A 355 -42.95 -28.78 -9.06
N PRO A 356 -44.23 -29.32 -8.88
CA PRO A 356 -45.42 -28.46 -8.83
C PRO A 356 -45.71 -27.84 -7.45
N GLY A 357 -44.68 -27.31 -6.81
CA GLY A 357 -44.82 -26.55 -5.57
C GLY A 357 -45.30 -27.31 -4.34
N ASP A 358 -45.55 -28.62 -4.42
CA ASP A 358 -45.88 -29.41 -3.24
C ASP A 358 -44.60 -29.65 -2.45
N ILE A 359 -44.24 -28.65 -1.63
CA ILE A 359 -42.96 -28.64 -0.91
C ILE A 359 -43.29 -28.94 0.56
N VAL A 360 -42.70 -30.01 1.08
CA VAL A 360 -43.00 -30.55 2.39
C VAL A 360 -41.81 -30.27 3.30
N PHE A 361 -42.09 -29.71 4.48
CA PHE A 361 -41.14 -29.44 5.55
C PHE A 361 -41.62 -30.13 6.82
N SER A 362 -42.13 -31.37 6.66
CA SER A 362 -42.91 -32.07 7.70
C SER A 362 -42.19 -32.14 9.04
N HIS A 363 -40.88 -32.35 9.02
CA HIS A 363 -40.04 -31.88 10.10
C HIS A 363 -38.70 -31.46 9.51
N VAL A 364 -38.20 -30.32 9.97
CA VAL A 364 -36.84 -29.91 9.70
C VAL A 364 -36.35 -29.11 10.90
N SER A 365 -35.09 -29.33 11.30
CA SER A 365 -34.52 -28.57 12.40
C SER A 365 -33.02 -28.39 12.25
N PHE A 366 -32.54 -27.19 12.57
CA PHE A 366 -31.10 -26.96 12.52
C PHE A 366 -30.72 -25.71 13.31
N THR A 367 -29.40 -25.55 13.49
CA THR A 367 -28.75 -24.31 13.87
C THR A 367 -27.57 -24.04 12.96
N TYR A 368 -27.22 -22.76 12.84
CA TYR A 368 -25.89 -22.35 12.41
C TYR A 368 -24.86 -22.75 13.47
N PRO A 369 -23.56 -22.59 13.18
CA PRO A 369 -22.54 -22.82 14.22
C PRO A 369 -22.55 -21.90 15.45
N SER A 370 -23.44 -20.90 15.50
CA SER A 370 -23.47 -19.93 16.58
C SER A 370 -23.94 -20.51 17.91
N SER A 371 -24.42 -21.75 17.96
CA SER A 371 -24.57 -22.46 19.22
C SER A 371 -24.39 -23.95 18.98
N THR A 372 -24.04 -24.66 20.05
CA THR A 372 -23.94 -26.12 20.05
C THR A 372 -25.33 -26.75 20.20
N SER A 373 -26.13 -26.62 19.14
CA SER A 373 -27.47 -27.20 19.04
C SER A 373 -28.39 -26.78 20.19
N ASP A 374 -28.21 -25.55 20.68
CA ASP A 374 -28.94 -25.04 21.84
C ASP A 374 -30.19 -24.27 21.39
N ASN A 375 -29.98 -23.24 20.56
CA ASN A 375 -31.08 -22.43 20.02
C ASN A 375 -31.62 -23.07 18.73
N LEU A 376 -32.12 -24.30 18.88
CA LEU A 376 -32.56 -25.09 17.74
C LEU A 376 -33.80 -24.48 17.10
N GLN A 377 -33.70 -24.16 15.81
CA GLN A 377 -34.88 -23.92 15.00
C GLN A 377 -35.49 -25.28 14.66
N ASP A 378 -36.81 -25.41 14.83
CA ASP A 378 -37.48 -26.72 14.88
C ASP A 378 -38.90 -26.60 14.32
N ILE A 379 -39.05 -26.89 13.02
CA ILE A 379 -40.20 -26.45 12.22
C ILE A 379 -40.86 -27.68 11.61
N SER A 380 -42.19 -27.62 11.47
CA SER A 380 -42.99 -28.66 10.82
C SER A 380 -44.09 -28.01 10.00
N PHE A 381 -43.95 -28.00 8.67
CA PHE A 381 -44.83 -27.22 7.79
C PHE A 381 -44.95 -27.94 6.44
N THR A 382 -45.90 -27.51 5.63
CA THR A 382 -46.02 -27.97 4.25
C THR A 382 -46.69 -26.86 3.45
N VAL A 383 -46.38 -26.77 2.15
CA VAL A 383 -46.96 -25.80 1.25
C VAL A 383 -47.24 -26.48 -0.09
N ARG A 384 -48.12 -25.85 -0.87
CA ARG A 384 -48.50 -26.29 -2.21
C ARG A 384 -48.51 -25.06 -3.11
N LYS A 385 -48.39 -25.32 -4.42
CA LYS A 385 -48.41 -24.27 -5.44
C LYS A 385 -49.59 -23.33 -5.29
N GLY A 386 -49.29 -22.03 -5.26
CA GLY A 386 -50.26 -21.00 -5.01
C GLY A 386 -50.49 -20.68 -3.56
N GLN A 387 -50.05 -21.53 -2.65
CA GLN A 387 -50.20 -21.27 -1.22
C GLN A 387 -49.23 -20.16 -0.82
N THR A 388 -49.73 -18.93 -0.73
CA THR A 388 -48.93 -17.82 -0.25
C THR A 388 -48.74 -17.94 1.26
N VAL A 389 -47.49 -18.05 1.68
CA VAL A 389 -47.12 -18.32 3.07
C VAL A 389 -46.53 -17.07 3.71
N GLY A 390 -47.39 -16.26 4.31
CA GLY A 390 -46.91 -15.15 5.13
C GLY A 390 -46.30 -15.65 6.43
N ILE A 391 -45.20 -15.02 6.81
CA ILE A 391 -44.43 -15.36 8.01
C ILE A 391 -44.30 -14.07 8.82
N ALA A 392 -44.77 -14.11 10.06
CA ALA A 392 -44.72 -12.99 10.98
C ALA A 392 -43.97 -13.36 12.25
N GLY A 393 -43.55 -12.34 12.97
CA GLY A 393 -42.86 -12.54 14.23
C GLY A 393 -42.05 -11.33 14.61
N LYS A 394 -41.38 -11.45 15.74
CA LYS A 394 -40.48 -10.45 16.27
C LYS A 394 -39.09 -10.63 15.66
N THR A 395 -38.24 -9.62 15.88
CA THR A 395 -36.86 -9.65 15.45
C THR A 395 -36.16 -10.92 15.96
N GLY A 396 -35.17 -11.37 15.21
CA GLY A 396 -34.30 -12.47 15.63
C GLY A 396 -35.00 -13.77 15.96
N SER A 397 -36.12 -14.07 15.30
CA SER A 397 -37.05 -15.11 15.73
C SER A 397 -37.18 -16.25 14.71
N GLY A 398 -36.22 -16.42 13.80
CA GLY A 398 -36.18 -17.58 12.93
C GLY A 398 -36.81 -17.40 11.56
N LYS A 399 -37.45 -16.25 11.30
CA LYS A 399 -38.21 -16.07 10.06
C LYS A 399 -37.32 -16.20 8.81
N THR A 400 -36.21 -15.47 8.78
CA THR A 400 -35.29 -15.58 7.66
C THR A 400 -34.57 -16.92 7.64
N THR A 401 -34.33 -17.52 8.81
CA THR A 401 -33.58 -18.76 8.90
C THR A 401 -34.22 -19.91 8.12
N ILE A 402 -35.54 -20.05 8.17
CA ILE A 402 -36.19 -21.15 7.45
C ILE A 402 -36.02 -21.00 5.94
N ILE A 403 -36.15 -19.79 5.40
CA ILE A 403 -35.96 -19.62 3.97
C ILE A 403 -34.48 -19.77 3.61
N LYS A 404 -33.58 -19.41 4.52
CA LYS A 404 -32.17 -19.70 4.30
C LYS A 404 -31.92 -21.19 4.20
N GLN A 405 -32.67 -21.98 4.97
CA GLN A 405 -32.58 -23.43 4.84
C GLN A 405 -33.17 -23.89 3.51
N LEU A 406 -34.28 -23.28 3.11
CA LEU A 406 -34.86 -23.57 1.80
C LEU A 406 -33.92 -23.22 0.67
N LEU A 407 -33.16 -22.13 0.83
CA LEU A 407 -32.16 -21.75 -0.16
C LEU A 407 -30.94 -22.67 -0.21
N ARG A 408 -30.80 -23.60 0.74
CA ARG A 408 -29.74 -24.61 0.73
C ARG A 408 -28.36 -23.97 0.74
N GLN A 409 -28.22 -22.83 1.43
CA GLN A 409 -26.91 -22.19 1.54
C GLN A 409 -26.03 -22.91 2.53
N TYR A 410 -26.56 -23.19 3.72
CA TYR A 410 -25.89 -23.96 4.74
C TYR A 410 -26.06 -25.47 4.48
N PRO A 411 -25.21 -26.30 5.10
CA PRO A 411 -25.42 -27.74 4.97
C PRO A 411 -26.76 -28.16 5.54
N PRO A 412 -27.34 -29.26 5.04
CA PRO A 412 -28.74 -29.57 5.35
C PRO A 412 -28.97 -29.90 6.81
N GLY A 413 -30.09 -29.40 7.33
CA GLY A 413 -30.47 -29.63 8.69
C GLY A 413 -30.89 -31.07 8.94
N GLU A 414 -31.18 -31.35 10.21
CA GLU A 414 -31.89 -32.56 10.58
C GLU A 414 -33.35 -32.48 10.12
N GLY A 415 -33.99 -33.64 10.08
CA GLY A 415 -35.26 -33.77 9.39
C GLY A 415 -35.08 -33.86 7.88
N SER A 416 -36.07 -33.35 7.15
CA SER A 416 -35.96 -33.28 5.70
C SER A 416 -36.87 -32.20 5.16
N ILE A 417 -36.39 -31.54 4.11
CA ILE A 417 -37.23 -30.75 3.20
C ILE A 417 -37.34 -31.56 1.92
N THR A 418 -38.56 -31.66 1.41
CA THR A 418 -38.89 -32.50 0.27
C THR A 418 -39.68 -31.66 -0.73
N PHE A 419 -39.30 -31.75 -2.00
CA PHE A 419 -40.00 -31.10 -3.11
C PHE A 419 -40.79 -32.16 -3.89
N SER A 420 -42.07 -32.29 -3.58
CA SER A 420 -43.01 -33.16 -4.32
C SER A 420 -42.51 -34.60 -4.41
N GLY A 421 -41.88 -35.07 -3.34
CA GLY A 421 -41.40 -36.44 -3.20
C GLY A 421 -39.90 -36.62 -3.05
N VAL A 422 -39.12 -35.86 -3.79
CA VAL A 422 -37.65 -35.98 -3.73
C VAL A 422 -37.14 -35.14 -2.55
N PRO A 423 -36.16 -35.58 -1.77
CA PRO A 423 -35.59 -34.69 -0.76
C PRO A 423 -34.88 -33.52 -1.42
N ILE A 424 -34.59 -32.51 -0.59
CA ILE A 424 -33.94 -31.30 -1.06
C ILE A 424 -32.50 -31.57 -1.49
N GLN A 425 -31.82 -32.50 -0.83
CA GLN A 425 -30.41 -32.73 -1.10
C GLN A 425 -30.16 -33.30 -2.49
N GLN A 426 -31.08 -34.12 -3.00
CA GLN A 426 -30.91 -34.75 -4.30
C GLN A 426 -31.23 -33.84 -5.47
N ILE A 427 -31.77 -32.64 -5.24
CA ILE A 427 -32.19 -31.80 -6.37
C ILE A 427 -30.94 -31.24 -7.04
N PRO A 428 -30.91 -31.08 -8.37
CA PRO A 428 -29.80 -30.33 -8.97
C PRO A 428 -29.70 -28.91 -8.43
N LEU A 429 -28.48 -28.54 -8.04
CA LEU A 429 -28.25 -27.31 -7.29
C LEU A 429 -28.47 -26.08 -8.15
N ASP A 430 -27.99 -26.09 -9.39
CA ASP A 430 -28.17 -24.96 -10.29
C ASP A 430 -29.64 -24.73 -10.59
N ARG A 431 -30.35 -25.79 -10.99
CA ARG A 431 -31.78 -25.69 -11.27
C ARG A 431 -32.56 -25.26 -10.04
N LEU A 432 -32.20 -25.83 -8.88
CA LEU A 432 -32.87 -25.50 -7.63
C LEU A 432 -32.73 -24.02 -7.31
N ARG A 433 -31.50 -23.53 -7.31
CA ARG A 433 -31.26 -22.13 -7.02
C ARG A 433 -31.81 -21.21 -8.11
N GLY A 434 -31.99 -21.72 -9.33
CA GLY A 434 -32.68 -20.96 -10.36
C GLY A 434 -34.18 -20.90 -10.20
N TRP A 435 -34.79 -21.88 -9.53
CA TRP A 435 -36.22 -21.79 -9.23
C TRP A 435 -36.52 -20.62 -8.30
N ILE A 436 -35.65 -20.39 -7.32
CA ILE A 436 -35.92 -19.43 -6.26
C ILE A 436 -35.49 -18.04 -6.68
N GLY A 437 -36.46 -17.14 -6.76
CA GLY A 437 -36.24 -15.71 -6.87
C GLY A 437 -36.28 -15.03 -5.52
N TYR A 438 -35.12 -14.74 -4.95
CA TYR A 438 -34.97 -14.37 -3.55
C TYR A 438 -34.56 -12.91 -3.42
N VAL A 439 -35.34 -12.17 -2.63
CA VAL A 439 -35.07 -10.78 -2.27
C VAL A 439 -34.61 -10.76 -0.81
N PRO A 440 -33.30 -10.62 -0.51
CA PRO A 440 -32.89 -10.61 0.89
C PRO A 440 -33.25 -9.32 1.60
N GLN A 441 -32.99 -9.29 2.91
CA GLN A 441 -33.26 -8.11 3.71
C GLN A 441 -32.29 -6.97 3.37
N ASP A 442 -31.05 -7.29 2.99
CA ASP A 442 -30.02 -6.33 2.62
C ASP A 442 -30.02 -6.19 1.10
N HIS A 443 -30.77 -5.22 0.60
CA HIS A 443 -30.82 -4.98 -0.84
C HIS A 443 -29.47 -4.46 -1.33
N LEU A 444 -28.58 -5.40 -1.65
CA LEU A 444 -27.23 -5.10 -2.08
C LEU A 444 -27.20 -4.95 -3.59
N LEU A 445 -26.57 -3.88 -4.06
CA LEU A 445 -26.39 -3.59 -5.47
C LEU A 445 -24.92 -3.71 -5.83
N PHE A 446 -24.68 -4.08 -7.09
CA PHE A 446 -23.35 -4.44 -7.57
C PHE A 446 -22.57 -3.27 -8.17
N SER A 447 -23.01 -2.04 -7.98
CA SER A 447 -22.35 -0.85 -8.53
C SER A 447 -22.35 -0.91 -10.07
N ARG A 448 -23.56 -1.00 -10.61
CA ARG A 448 -23.80 -1.06 -12.04
C ARG A 448 -25.02 -0.20 -12.35
N THR A 449 -25.51 -0.29 -13.57
CA THR A 449 -26.72 0.41 -13.96
C THR A 449 -27.97 -0.34 -13.49
N VAL A 450 -29.05 0.42 -13.32
CA VAL A 450 -30.33 -0.15 -12.88
C VAL A 450 -30.82 -1.19 -13.89
N LYS A 451 -30.61 -0.93 -15.18
CA LYS A 451 -30.99 -1.91 -16.19
C LYS A 451 -30.17 -3.19 -16.03
N GLU A 452 -28.86 -3.04 -15.80
CA GLU A 452 -28.03 -4.22 -15.59
C GLU A 452 -28.32 -4.89 -14.27
N ASN A 453 -28.70 -4.13 -13.24
CA ASN A 453 -29.10 -4.75 -11.98
C ASN A 453 -30.38 -5.55 -12.14
N ILE A 454 -31.30 -5.08 -12.99
CA ILE A 454 -32.53 -5.84 -13.21
C ILE A 454 -32.24 -7.07 -14.06
N LEU A 455 -31.43 -6.92 -15.11
CA LEU A 455 -31.03 -8.05 -15.94
C LEU A 455 -30.06 -9.00 -15.26
N TYR A 456 -29.56 -8.65 -14.07
CA TYR A 456 -28.80 -9.59 -13.25
C TYR A 456 -29.55 -10.91 -13.06
N GLY A 457 -30.86 -10.82 -12.83
CA GLY A 457 -31.69 -12.01 -12.73
C GLY A 457 -31.74 -12.82 -14.00
N LYS A 458 -32.23 -12.23 -15.09
CA LYS A 458 -32.27 -12.86 -16.40
C LYS A 458 -31.13 -12.28 -17.23
N GLN A 459 -30.03 -13.02 -17.31
CA GLN A 459 -28.82 -12.53 -17.96
C GLN A 459 -28.86 -12.65 -19.49
N ASP A 460 -29.98 -13.02 -20.08
CA ASP A 460 -30.09 -13.06 -21.53
C ASP A 460 -30.17 -11.65 -22.09
N ALA A 461 -30.33 -11.55 -23.40
CA ALA A 461 -30.42 -10.26 -24.05
C ALA A 461 -31.68 -9.53 -23.64
N THR A 462 -31.61 -8.19 -23.67
CA THR A 462 -32.72 -7.37 -23.23
C THR A 462 -33.85 -7.39 -24.26
N ASP A 463 -35.07 -7.27 -23.76
CA ASP A 463 -36.25 -7.21 -24.59
C ASP A 463 -37.30 -6.40 -23.83
N LYS A 464 -38.54 -6.45 -24.29
CA LYS A 464 -39.60 -5.67 -23.65
C LYS A 464 -39.98 -6.20 -22.27
N GLU A 465 -39.57 -7.41 -21.90
CA GLU A 465 -39.97 -7.97 -20.61
C GLU A 465 -39.40 -7.20 -19.44
N VAL A 466 -38.26 -6.53 -19.61
CA VAL A 466 -37.67 -5.77 -18.51
C VAL A 466 -38.55 -4.56 -18.19
N GLN A 467 -39.16 -3.96 -19.20
CA GLN A 467 -40.03 -2.81 -18.96
C GLN A 467 -41.29 -3.22 -18.23
N GLN A 468 -41.90 -4.33 -18.65
CA GLN A 468 -43.07 -4.86 -17.95
C GLN A 468 -42.71 -5.25 -16.52
N ALA A 469 -41.52 -5.83 -16.33
CA ALA A 469 -41.12 -6.28 -15.00
C ALA A 469 -40.92 -5.10 -14.05
N ILE A 470 -40.20 -4.07 -14.50
CA ILE A 470 -39.99 -2.91 -13.64
C ILE A 470 -41.29 -2.13 -13.48
N ALA A 471 -42.21 -2.21 -14.45
CA ALA A 471 -43.52 -1.60 -14.25
C ALA A 471 -44.32 -2.33 -13.19
N GLU A 472 -44.17 -3.66 -13.11
CA GLU A 472 -44.85 -4.41 -12.06
C GLU A 472 -44.35 -4.03 -10.68
N ALA A 473 -43.09 -3.61 -10.56
CA ALA A 473 -42.56 -3.20 -9.27
C ALA A 473 -43.14 -1.87 -8.77
N HIS A 474 -43.74 -1.07 -9.65
CA HIS A 474 -44.37 0.23 -9.38
C HIS A 474 -43.34 1.36 -9.22
N PHE A 475 -42.04 1.07 -9.23
CA PHE A 475 -41.02 2.11 -9.13
C PHE A 475 -40.73 2.77 -10.48
N GLU A 476 -41.16 2.16 -11.60
CA GLU A 476 -40.87 2.69 -12.93
C GLU A 476 -41.44 4.09 -13.14
N LYS A 477 -42.58 4.39 -12.51
CA LYS A 477 -43.17 5.72 -12.61
C LYS A 477 -42.22 6.79 -12.07
N ASP A 478 -41.46 6.45 -11.03
CA ASP A 478 -40.39 7.31 -10.54
C ASP A 478 -39.07 7.09 -11.26
N LEU A 479 -38.87 5.93 -11.89
CA LEU A 479 -37.57 5.60 -12.44
C LEU A 479 -37.29 6.34 -13.75
N HIS A 480 -38.32 6.56 -14.57
CA HIS A 480 -38.11 7.27 -15.83
C HIS A 480 -37.72 8.73 -15.63
N MET A 481 -38.10 9.32 -14.48
CA MET A 481 -37.92 10.75 -14.24
C MET A 481 -36.83 11.05 -13.22
N LEU A 482 -36.91 10.47 -12.02
CA LEU A 482 -36.09 10.96 -10.92
C LEU A 482 -34.62 10.53 -11.05
N PRO A 483 -34.28 9.21 -11.11
CA PRO A 483 -32.88 8.78 -11.14
C PRO A 483 -32.25 8.74 -12.54
N SER A 484 -32.47 9.81 -13.33
CA SER A 484 -31.90 9.96 -14.68
C SER A 484 -32.26 8.80 -15.61
N GLY A 485 -33.46 8.23 -15.46
CA GLY A 485 -33.87 7.13 -16.31
C GLY A 485 -33.27 5.81 -15.87
N LEU A 486 -33.32 4.83 -16.79
CA LEU A 486 -32.78 3.51 -16.49
C LEU A 486 -31.27 3.54 -16.44
N GLU A 487 -30.64 4.02 -17.51
CA GLU A 487 -29.18 3.98 -17.64
C GLU A 487 -28.59 5.04 -16.70
N THR A 488 -28.47 4.65 -15.43
CA THR A 488 -27.92 5.51 -14.40
C THR A 488 -27.20 4.62 -13.39
N MET A 489 -25.99 5.02 -13.03
CA MET A 489 -25.18 4.22 -12.13
C MET A 489 -25.77 4.29 -10.73
N VAL A 490 -25.90 3.12 -10.11
CA VAL A 490 -26.35 2.99 -8.73
C VAL A 490 -25.46 1.97 -8.05
N GLY A 491 -25.15 2.20 -6.78
CA GLY A 491 -24.19 1.43 -6.03
C GLY A 491 -22.83 2.12 -6.00
N GLU A 492 -22.02 1.73 -5.02
CA GLU A 492 -20.78 2.44 -4.69
C GLU A 492 -21.09 3.91 -4.37
N LYS A 493 -22.15 4.10 -3.60
CA LYS A 493 -22.80 5.37 -3.23
C LYS A 493 -23.68 5.93 -4.35
N GLY A 494 -23.67 5.36 -5.56
CA GLY A 494 -24.59 5.62 -6.65
C GLY A 494 -24.94 7.07 -6.96
N VAL A 495 -26.24 7.31 -7.16
CA VAL A 495 -26.78 8.66 -7.27
C VAL A 495 -28.28 8.56 -7.02
N ALA A 496 -28.79 9.50 -6.22
CA ALA A 496 -30.20 9.54 -5.82
C ALA A 496 -30.61 8.24 -5.11
N LEU A 497 -29.97 8.00 -3.98
CA LEU A 497 -30.17 6.75 -3.26
C LEU A 497 -31.42 6.81 -2.39
N SER A 498 -31.95 5.63 -2.09
CA SER A 498 -33.07 5.46 -1.19
C SER A 498 -33.27 3.98 -0.95
N GLY A 499 -33.57 3.61 0.29
CA GLY A 499 -33.72 2.21 0.63
C GLY A 499 -34.92 1.56 -0.03
N GLY A 500 -36.06 2.25 -0.06
CA GLY A 500 -37.23 1.72 -0.74
C GLY A 500 -37.02 1.55 -2.23
N GLN A 501 -36.28 2.47 -2.85
CA GLN A 501 -36.00 2.34 -4.28
C GLN A 501 -35.12 1.14 -4.56
N LYS A 502 -34.11 0.91 -3.72
CA LYS A 502 -33.30 -0.30 -3.83
C LYS A 502 -34.14 -1.56 -3.63
N GLN A 503 -35.05 -1.52 -2.65
CA GLN A 503 -35.96 -2.65 -2.43
C GLN A 503 -36.81 -2.94 -3.66
N ARG A 504 -37.35 -1.89 -4.26
CA ARG A 504 -38.16 -2.05 -5.47
C ARG A 504 -37.32 -2.59 -6.62
N ILE A 505 -36.06 -2.16 -6.72
CA ILE A 505 -35.19 -2.66 -7.77
C ILE A 505 -34.88 -4.13 -7.54
N SER A 506 -34.68 -4.51 -6.28
CA SER A 506 -34.48 -5.92 -5.94
C SER A 506 -35.68 -6.77 -6.31
N ILE A 507 -36.87 -6.28 -5.99
CA ILE A 507 -38.09 -6.99 -6.36
C ILE A 507 -38.21 -7.10 -7.87
N ALA A 508 -37.85 -6.04 -8.60
CA ALA A 508 -37.91 -6.10 -10.05
C ALA A 508 -36.90 -7.08 -10.61
N ARG A 509 -35.72 -7.15 -10.00
CA ARG A 509 -34.74 -8.18 -10.35
C ARG A 509 -35.32 -9.57 -10.17
N ALA A 510 -35.92 -9.81 -9.01
CA ALA A 510 -36.54 -11.11 -8.74
C ALA A 510 -37.65 -11.42 -9.75
N LEU A 511 -38.48 -10.45 -10.06
CA LEU A 511 -39.54 -10.65 -11.04
C LEU A 511 -38.97 -10.95 -12.42
N MET A 512 -37.91 -10.23 -12.80
CA MET A 512 -37.28 -10.47 -14.10
C MET A 512 -36.66 -11.86 -14.15
N ALA A 513 -36.23 -12.40 -13.02
CA ALA A 513 -35.84 -13.80 -12.98
C ALA A 513 -36.99 -14.73 -13.36
N ASN A 514 -38.24 -14.33 -13.04
CA ASN A 514 -39.45 -15.09 -13.34
C ASN A 514 -39.41 -16.42 -12.59
N PRO A 515 -39.46 -16.40 -11.26
CA PRO A 515 -39.24 -17.62 -10.49
C PRO A 515 -40.49 -18.46 -10.31
N GLU A 516 -40.27 -19.76 -10.27
CA GLU A 516 -41.31 -20.67 -9.80
C GLU A 516 -41.68 -20.38 -8.36
N ILE A 517 -40.68 -20.01 -7.54
CA ILE A 517 -40.86 -19.75 -6.11
C ILE A 517 -40.26 -18.38 -5.83
N LEU A 518 -41.11 -17.39 -5.56
CA LEU A 518 -40.69 -16.08 -5.10
C LEU A 518 -40.54 -16.08 -3.59
N ILE A 519 -39.51 -15.38 -3.11
CA ILE A 519 -39.26 -15.19 -1.68
C ILE A 519 -38.89 -13.74 -1.48
N LEU A 520 -39.67 -13.04 -0.63
CA LEU A 520 -39.39 -11.67 -0.24
C LEU A 520 -39.16 -11.64 1.26
N ASP A 521 -37.99 -11.15 1.69
CA ASP A 521 -37.66 -10.98 3.11
C ASP A 521 -37.55 -9.49 3.43
N GLN A 522 -38.66 -8.92 3.89
CA GLN A 522 -38.75 -7.59 4.47
C GLN A 522 -38.53 -6.47 3.46
N SER A 523 -38.58 -6.75 2.16
CA SER A 523 -38.36 -5.71 1.15
C SER A 523 -39.41 -4.61 1.24
N LEU A 524 -40.65 -4.97 1.56
CA LEU A 524 -41.74 -4.02 1.57
C LEU A 524 -41.67 -3.03 2.72
N SER A 525 -40.95 -3.36 3.79
CA SER A 525 -40.95 -2.56 5.02
C SER A 525 -40.46 -1.13 4.81
N ALA A 526 -39.65 -0.87 3.77
CA ALA A 526 -39.11 0.47 3.56
C ALA A 526 -40.22 1.49 3.29
N VAL A 527 -41.09 1.20 2.34
CA VAL A 527 -42.20 2.07 1.96
C VAL A 527 -43.42 1.65 2.75
N ASP A 528 -44.29 2.64 3.03
CA ASP A 528 -45.49 2.40 3.82
C ASP A 528 -46.42 1.41 3.14
N ALA A 529 -47.32 0.84 3.94
CA ALA A 529 -48.18 -0.25 3.49
C ALA A 529 -49.19 0.16 2.43
N LYS A 530 -49.43 1.47 2.23
CA LYS A 530 -50.47 1.91 1.30
C LYS A 530 -50.12 1.53 -0.14
N THR A 531 -48.87 1.75 -0.55
CA THR A 531 -48.43 1.37 -1.89
C THR A 531 -48.01 -0.10 -1.93
N GLU A 532 -47.38 -0.57 -0.86
CA GLU A 532 -46.86 -1.93 -0.85
C GLU A 532 -47.97 -2.97 -0.88
N ALA A 533 -49.11 -2.70 -0.25
CA ALA A 533 -50.24 -3.63 -0.31
C ALA A 533 -50.75 -3.77 -1.74
N ALA A 534 -50.87 -2.66 -2.47
CA ALA A 534 -51.26 -2.72 -3.86
C ALA A 534 -50.21 -3.43 -4.71
N ILE A 535 -48.94 -3.25 -4.36
CA ILE A 535 -47.87 -3.92 -5.11
C ILE A 535 -47.95 -5.44 -4.89
N ILE A 536 -48.19 -5.85 -3.65
CA ILE A 536 -48.37 -7.26 -3.33
C ILE A 536 -49.57 -7.83 -4.07
N LYS A 537 -50.66 -7.08 -4.12
CA LYS A 537 -51.85 -7.54 -4.84
C LYS A 537 -51.57 -7.69 -6.32
N ASN A 538 -50.84 -6.74 -6.92
CA ASN A 538 -50.50 -6.84 -8.33
C ASN A 538 -49.55 -8.00 -8.61
N ILE A 539 -48.61 -8.25 -7.69
CA ILE A 539 -47.74 -9.42 -7.83
C ILE A 539 -48.55 -10.71 -7.78
N ARG A 540 -49.43 -10.84 -6.79
CA ARG A 540 -50.22 -12.06 -6.67
C ARG A 540 -51.19 -12.22 -7.83
N GLU A 541 -51.60 -11.12 -8.46
CA GLU A 541 -52.39 -11.21 -9.67
C GLU A 541 -51.55 -11.68 -10.85
N ASN A 542 -50.33 -11.17 -10.98
CA ASN A 542 -49.51 -11.48 -12.15
C ASN A 542 -48.96 -12.90 -12.09
N ARG A 543 -48.60 -13.37 -10.89
CA ARG A 543 -48.00 -14.70 -10.77
C ARG A 543 -48.97 -15.80 -11.16
N LYS A 544 -50.23 -15.69 -10.73
CA LYS A 544 -51.29 -16.62 -11.10
C LYS A 544 -51.00 -18.03 -10.58
N GLY A 545 -50.87 -18.12 -9.26
CA GLY A 545 -50.69 -19.39 -8.57
C GLY A 545 -49.27 -19.87 -8.38
N LYS A 546 -48.26 -19.13 -8.79
CA LYS A 546 -46.89 -19.51 -8.47
C LYS A 546 -46.63 -19.32 -6.98
N THR A 547 -45.77 -20.17 -6.42
CA THR A 547 -45.46 -20.13 -5.00
C THR A 547 -44.77 -18.84 -4.61
N THR A 548 -45.20 -18.27 -3.48
CA THR A 548 -44.69 -16.99 -2.98
C THR A 548 -44.60 -17.03 -1.46
N PHE A 549 -43.44 -16.65 -0.93
CA PHE A 549 -43.18 -16.50 0.49
C PHE A 549 -42.94 -15.02 0.81
N ILE A 550 -43.66 -14.52 1.80
CA ILE A 550 -43.62 -13.13 2.24
C ILE A 550 -43.21 -13.12 3.71
N LEU A 551 -42.19 -12.31 4.04
CA LEU A 551 -41.68 -12.20 5.41
C LEU A 551 -41.47 -10.72 5.73
N THR A 552 -42.52 -10.09 6.24
CA THR A 552 -42.52 -8.69 6.65
C THR A 552 -42.86 -8.59 8.13
N HIS A 553 -42.23 -7.66 8.83
CA HIS A 553 -42.64 -7.36 10.20
C HIS A 553 -44.08 -6.87 10.24
N ARG A 554 -44.48 -6.07 9.26
CA ARG A 554 -45.87 -5.67 9.14
C ARG A 554 -46.74 -6.89 8.80
N LEU A 555 -48.06 -6.71 8.98
CA LEU A 555 -49.06 -7.73 8.71
C LEU A 555 -50.02 -7.37 7.58
N SER A 556 -49.86 -6.22 6.93
CA SER A 556 -50.81 -5.82 5.89
C SER A 556 -50.69 -6.72 4.66
N ALA A 557 -49.48 -6.86 4.13
CA ALA A 557 -49.26 -7.77 3.01
C ALA A 557 -49.57 -9.21 3.40
N VAL A 558 -49.24 -9.58 4.64
CA VAL A 558 -49.51 -10.92 5.15
C VAL A 558 -51.00 -11.22 5.19
N GLU A 559 -51.84 -10.18 5.36
CA GLU A 559 -53.28 -10.39 5.54
C GLU A 559 -53.91 -11.06 4.33
N HIS A 560 -53.44 -10.74 3.12
CA HIS A 560 -53.94 -11.35 1.91
C HIS A 560 -53.40 -12.76 1.67
N ALA A 561 -52.41 -13.20 2.44
CA ALA A 561 -51.87 -14.55 2.28
C ALA A 561 -52.92 -15.59 2.64
N ASP A 562 -53.07 -16.60 1.78
CA ASP A 562 -53.97 -17.70 2.06
C ASP A 562 -53.50 -18.55 3.24
N LEU A 563 -52.18 -18.63 3.48
CA LEU A 563 -51.62 -19.27 4.66
C LEU A 563 -50.70 -18.29 5.39
N ILE A 564 -50.84 -18.24 6.70
CA ILE A 564 -50.06 -17.36 7.57
C ILE A 564 -49.57 -18.16 8.76
N LEU A 565 -48.34 -17.88 9.18
CA LEU A 565 -47.76 -18.45 10.39
C LEU A 565 -47.02 -17.36 11.15
N VAL A 566 -47.00 -17.52 12.47
CA VAL A 566 -46.32 -16.62 13.40
C VAL A 566 -45.30 -17.43 14.18
N MET A 567 -44.06 -16.93 14.23
CA MET A 567 -42.96 -17.58 14.94
C MET A 567 -42.43 -16.67 16.03
N ASP A 568 -41.94 -17.31 17.09
CA ASP A 568 -41.40 -16.59 18.25
C ASP A 568 -40.36 -17.47 18.92
N GLY A 569 -39.10 -17.04 18.87
CA GLY A 569 -38.02 -17.85 19.40
C GLY A 569 -37.59 -18.99 18.50
N GLY A 570 -37.85 -18.91 17.21
CA GLY A 570 -37.60 -20.02 16.32
C GLY A 570 -38.58 -21.17 16.42
N VAL A 571 -39.78 -20.92 16.95
CA VAL A 571 -40.81 -21.94 17.12
C VAL A 571 -42.13 -21.38 16.63
N ILE A 572 -42.91 -22.21 15.95
CA ILE A 572 -44.24 -21.85 15.45
C ILE A 572 -45.16 -21.65 16.66
N ALA A 573 -45.49 -20.40 16.96
CA ALA A 573 -46.49 -20.15 17.99
C ALA A 573 -47.86 -20.63 17.54
N GLU A 574 -48.32 -20.14 16.38
CA GLU A 574 -49.63 -20.43 15.82
C GLU A 574 -49.48 -20.54 14.31
N ARG A 575 -50.51 -21.09 13.67
CA ARG A 575 -50.51 -21.22 12.21
C ARG A 575 -51.94 -21.32 11.71
N GLY A 576 -52.24 -20.58 10.67
CA GLY A 576 -53.56 -20.61 10.07
C GLY A 576 -53.87 -19.33 9.32
N THR A 577 -55.15 -19.19 8.99
CA THR A 577 -55.65 -18.01 8.31
C THR A 577 -55.54 -16.78 9.20
N HIS A 578 -55.77 -15.61 8.57
CA HIS A 578 -55.75 -14.36 9.32
C HIS A 578 -56.87 -14.31 10.35
N GLN A 579 -58.01 -14.96 10.07
CA GLN A 579 -59.14 -14.89 10.99
C GLN A 579 -58.85 -15.65 12.27
N GLU A 580 -58.23 -16.82 12.16
CA GLU A 580 -57.89 -17.60 13.34
C GLU A 580 -56.86 -16.88 14.20
N LEU A 581 -55.89 -16.24 13.57
CA LEU A 581 -54.91 -15.44 14.31
C LEU A 581 -55.57 -14.26 15.00
N LEU A 582 -56.43 -13.54 14.29
CA LEU A 582 -57.12 -12.39 14.86
C LEU A 582 -58.03 -12.80 16.02
N ALA A 583 -58.60 -14.01 15.95
CA ALA A 583 -59.42 -14.50 17.04
C ALA A 583 -58.58 -14.91 18.24
N ASN A 584 -57.64 -15.84 18.03
CA ASN A 584 -56.88 -16.44 19.12
C ASN A 584 -55.60 -15.66 19.44
N ASN A 585 -54.70 -15.53 18.47
CA ASN A 585 -53.40 -14.92 18.69
C ASN A 585 -53.56 -13.43 18.98
N GLY A 586 -53.30 -13.03 20.22
CA GLY A 586 -53.37 -11.62 20.56
C GLY A 586 -52.27 -10.79 19.93
N TRP A 587 -51.10 -11.41 19.69
CA TRP A 587 -49.99 -10.69 19.06
C TRP A 587 -50.34 -10.21 17.66
N TYR A 588 -51.20 -10.94 16.95
CA TYR A 588 -51.49 -10.57 15.56
C TYR A 588 -52.39 -9.34 15.52
N ARG A 589 -53.46 -9.35 16.32
CA ARG A 589 -54.36 -8.20 16.34
C ARG A 589 -53.68 -6.99 16.98
N GLU A 590 -52.88 -7.23 18.03
CA GLU A 590 -52.22 -6.13 18.71
C GLU A 590 -51.19 -5.44 17.80
N GLN A 591 -50.42 -6.23 17.04
CA GLN A 591 -49.46 -5.63 16.13
C GLN A 591 -50.15 -5.04 14.90
N TYR A 592 -51.30 -5.61 14.50
CA TYR A 592 -52.06 -5.02 13.41
C TYR A 592 -52.60 -3.65 13.80
N GLU A 593 -53.00 -3.49 15.06
CA GLU A 593 -53.51 -2.22 15.55
C GLU A 593 -52.40 -1.23 15.87
N ARG A 594 -51.24 -1.73 16.31
CA ARG A 594 -50.17 -0.83 16.76
C ARG A 594 -49.56 -0.06 15.59
N GLN A 595 -49.46 -0.69 14.42
CA GLN A 595 -48.84 -0.03 13.29
C GLN A 595 -49.71 1.11 12.76
N GLN A 596 -51.04 0.99 12.86
CA GLN A 596 -51.98 2.03 12.46
C GLN A 596 -52.80 2.50 13.66
N LYS B 2 3.44 26.57 -6.30
CA LYS B 2 3.40 25.27 -6.94
C LYS B 2 3.85 24.19 -5.95
N ILE B 3 3.94 22.95 -6.44
CA ILE B 3 4.34 21.84 -5.59
C ILE B 3 5.79 21.97 -5.17
N GLY B 4 6.68 22.09 -6.15
CA GLY B 4 8.11 22.18 -5.86
C GLY B 4 8.49 23.42 -5.06
N LYS B 5 7.75 24.51 -5.25
CA LYS B 5 8.00 25.70 -4.47
C LYS B 5 7.73 25.47 -3.00
N THR B 6 6.62 24.80 -2.69
CA THR B 6 6.31 24.55 -1.29
C THR B 6 7.23 23.51 -0.68
N LEU B 7 7.66 22.52 -1.47
CA LEU B 7 8.62 21.56 -0.97
C LEU B 7 9.94 22.23 -0.65
N TRP B 8 10.40 23.13 -1.53
CA TRP B 8 11.57 23.93 -1.23
C TRP B 8 11.35 24.82 -0.02
N ARG B 9 10.14 25.30 0.17
CA ARG B 9 9.84 26.16 1.32
C ARG B 9 10.00 25.40 2.62
N TYR B 10 9.51 24.17 2.67
CA TYR B 10 9.67 23.37 3.89
C TYR B 10 11.09 22.87 4.04
N ALA B 11 11.81 22.66 2.95
CA ALA B 11 13.18 22.18 3.03
C ALA B 11 14.18 23.27 3.36
N LEU B 12 13.87 24.53 3.07
CA LEU B 12 14.76 25.61 3.50
C LEU B 12 14.76 25.71 5.01
N LEU B 13 13.64 25.40 5.64
CA LEU B 13 13.68 25.08 7.06
C LEU B 13 14.49 23.81 7.23
N TYR B 14 15.21 23.72 8.34
CA TYR B 14 16.19 22.65 8.56
C TYR B 14 17.27 22.68 7.49
N ARG B 15 17.65 23.88 7.07
CA ARG B 15 18.69 24.03 6.07
C ARG B 15 20.06 23.64 6.60
N LYS B 16 20.26 23.75 7.91
CA LYS B 16 21.55 23.38 8.49
C LYS B 16 21.81 21.89 8.36
N LEU B 17 20.78 21.06 8.59
CA LEU B 17 20.95 19.62 8.46
C LEU B 17 21.20 19.21 7.02
N LEU B 18 20.48 19.82 6.08
CA LEU B 18 20.69 19.51 4.68
C LEU B 18 22.08 19.92 4.21
N ILE B 19 22.54 21.10 4.62
CA ILE B 19 23.86 21.55 4.21
C ILE B 19 24.94 20.68 4.83
N THR B 20 24.77 20.31 6.10
CA THR B 20 25.68 19.38 6.76
C THR B 20 25.74 18.06 6.02
N ALA B 21 24.58 17.53 5.64
CA ALA B 21 24.50 16.29 4.89
C ALA B 21 25.23 16.38 3.57
N VAL B 22 24.99 17.45 2.82
CA VAL B 22 25.65 17.61 1.52
C VAL B 22 27.16 17.71 1.68
N LEU B 23 27.62 18.42 2.71
CA LEU B 23 29.06 18.53 2.93
C LEU B 23 29.69 17.20 3.29
N LEU B 24 29.10 16.49 4.26
CA LEU B 24 29.54 15.14 4.60
C LEU B 24 29.53 14.22 3.39
N LEU B 25 28.47 14.29 2.60
CA LEU B 25 28.39 13.53 1.36
C LEU B 25 29.53 13.85 0.42
N THR B 26 29.82 15.14 0.23
CA THR B 26 30.88 15.55 -0.68
C THR B 26 32.22 15.01 -0.24
N VAL B 27 32.51 15.10 1.06
CA VAL B 27 33.75 14.56 1.59
C VAL B 27 33.81 13.05 1.39
N ALA B 28 32.72 12.36 1.70
CA ALA B 28 32.67 10.91 1.54
C ALA B 28 32.87 10.52 0.08
N VAL B 29 32.27 11.26 -0.82
CA VAL B 29 32.40 11.00 -2.24
C VAL B 29 33.83 11.18 -2.69
N GLY B 30 34.45 12.30 -2.32
CA GLY B 30 35.85 12.54 -2.65
C GLY B 30 36.76 11.45 -2.13
N ALA B 31 36.58 11.09 -0.88
CA ALA B 31 37.36 10.03 -0.27
C ALA B 31 37.18 8.69 -0.98
N GLU B 32 35.93 8.32 -1.27
CA GLU B 32 35.63 7.06 -1.91
C GLU B 32 36.20 6.99 -3.32
N LEU B 33 36.00 8.05 -4.09
CA LEU B 33 36.54 8.12 -5.43
C LEU B 33 38.04 8.33 -5.50
N THR B 34 38.70 8.60 -4.37
CA THR B 34 40.15 8.69 -4.43
C THR B 34 40.81 7.35 -4.67
N GLY B 35 40.24 6.28 -4.15
CA GLY B 35 40.78 4.93 -4.23
C GLY B 35 41.24 4.44 -5.60
N PRO B 36 40.40 4.57 -6.61
CA PRO B 36 40.85 4.23 -7.95
C PRO B 36 41.96 5.09 -8.49
N PHE B 37 42.03 6.36 -8.09
CA PHE B 37 43.16 7.18 -8.48
C PHE B 37 44.43 6.70 -7.80
N ILE B 38 44.30 6.19 -6.58
CA ILE B 38 45.42 5.53 -5.92
C ILE B 38 45.81 4.28 -6.68
N GLY B 39 44.83 3.54 -7.17
CA GLY B 39 45.13 2.39 -8.00
C GLY B 39 45.84 2.74 -9.29
N LYS B 40 45.42 3.84 -9.92
CA LYS B 40 46.13 4.38 -11.07
C LYS B 40 47.60 4.65 -10.73
N LYS B 41 47.83 5.34 -9.61
CA LYS B 41 49.21 5.61 -9.16
C LYS B 41 49.99 4.30 -8.99
N MET B 42 49.39 3.33 -8.29
CA MET B 42 50.05 2.05 -8.03
C MET B 42 50.35 1.27 -9.30
N ILE B 43 49.50 1.40 -10.30
CA ILE B 43 49.74 0.71 -11.57
C ILE B 43 50.79 1.44 -12.38
N ASP B 44 50.62 2.73 -12.62
CA ASP B 44 51.46 3.42 -13.57
C ASP B 44 52.86 3.67 -13.03
N ASP B 45 52.99 3.89 -11.72
CA ASP B 45 54.29 4.17 -11.12
C ASP B 45 55.02 2.90 -10.72
N HIS B 46 54.45 2.12 -9.81
CA HIS B 46 55.16 1.00 -9.22
C HIS B 46 55.17 -0.24 -10.11
N ILE B 47 54.01 -0.72 -10.55
CA ILE B 47 54.00 -1.99 -11.27
C ILE B 47 54.47 -1.84 -12.72
N LEU B 48 54.31 -0.66 -13.31
CA LEU B 48 54.80 -0.34 -14.64
C LEU B 48 56.05 0.52 -14.62
N GLY B 49 56.64 0.77 -13.44
CA GLY B 49 57.89 1.50 -13.37
C GLY B 49 59.02 0.83 -14.12
N ILE B 50 59.01 -0.50 -14.18
CA ILE B 50 60.00 -1.25 -14.95
C ILE B 50 59.97 -0.83 -16.40
N GLU B 51 58.79 -0.51 -16.92
CA GLU B 51 58.68 -0.05 -18.30
C GLU B 51 59.44 1.27 -18.49
N LYS B 52 59.51 2.10 -17.45
CA LYS B 52 60.25 3.34 -17.52
C LYS B 52 61.75 3.09 -17.66
N THR B 53 62.43 4.05 -18.27
CA THR B 53 63.86 3.98 -18.51
C THR B 53 64.65 3.89 -17.21
N TRP B 54 65.80 3.21 -17.29
CA TRP B 54 66.73 3.05 -16.18
C TRP B 54 68.12 3.53 -16.59
N TYR B 55 68.88 3.98 -15.61
CA TYR B 55 70.26 4.42 -15.79
C TYR B 55 71.16 3.56 -14.91
N GLU B 56 72.45 3.57 -15.25
CA GLU B 56 73.49 2.87 -14.50
C GLU B 56 74.29 3.90 -13.72
N ALA B 57 74.42 3.66 -12.42
CA ALA B 57 75.14 4.56 -11.53
C ALA B 57 75.84 3.73 -10.47
N ALA B 58 76.83 4.35 -9.82
CA ALA B 58 77.56 3.69 -8.75
C ALA B 58 76.64 3.40 -7.57
N GLU B 59 76.87 2.26 -6.91
CA GLU B 59 75.97 1.78 -5.86
C GLU B 59 76.28 2.53 -4.55
N LYS B 60 75.89 3.79 -4.53
CA LYS B 60 75.96 4.66 -3.36
C LYS B 60 74.58 4.89 -2.75
N ASP B 61 73.57 5.10 -3.60
CA ASP B 61 72.20 5.23 -3.14
C ASP B 61 71.59 3.86 -2.88
N LYS B 62 70.58 3.85 -2.01
CA LYS B 62 69.88 2.60 -1.70
C LYS B 62 68.83 2.26 -2.75
N ASN B 63 68.32 3.28 -3.46
CA ASN B 63 67.33 3.06 -4.51
C ASN B 63 67.85 2.14 -5.61
N ALA B 64 69.13 2.27 -5.96
CA ALA B 64 69.76 1.43 -6.98
C ALA B 64 69.65 -0.05 -6.63
N VAL B 65 69.35 -0.86 -7.65
CA VAL B 65 69.12 -2.31 -7.50
C VAL B 65 70.19 -3.06 -8.29
N GLN B 66 70.66 -4.16 -7.70
CA GLN B 66 71.66 -5.02 -8.30
C GLN B 66 71.08 -5.89 -9.42
N PHE B 67 71.87 -6.07 -10.48
CA PHE B 67 71.50 -6.87 -11.64
C PHE B 67 72.78 -7.53 -12.13
N HIS B 68 73.01 -8.78 -11.71
CA HIS B 68 74.20 -9.55 -12.07
C HIS B 68 75.48 -8.81 -11.69
N GLY B 69 75.45 -8.17 -10.53
CA GLY B 69 76.60 -7.44 -10.05
C GLY B 69 76.73 -6.01 -10.56
N VAL B 70 75.73 -5.51 -11.30
CA VAL B 70 75.75 -4.15 -11.85
C VAL B 70 74.54 -3.43 -11.27
N SER B 71 74.76 -2.23 -10.73
CA SER B 71 73.70 -1.50 -10.06
C SER B 71 73.02 -0.53 -11.03
N TYR B 72 71.70 -0.66 -11.16
CA TYR B 72 70.88 0.17 -12.03
C TYR B 72 69.84 0.91 -11.19
N VAL B 73 69.72 2.21 -11.46
CA VAL B 73 68.82 3.11 -10.75
C VAL B 73 67.80 3.67 -11.74
N ARG B 74 66.56 3.86 -11.28
CA ARG B 74 65.48 4.29 -12.17
C ARG B 74 65.47 5.79 -12.36
N GLU B 75 64.98 6.20 -13.55
CA GLU B 75 65.01 7.61 -13.95
C GLU B 75 64.19 8.46 -13.00
N ASP B 76 62.95 8.02 -12.72
CA ASP B 76 62.08 8.77 -11.83
C ASP B 76 62.68 8.85 -10.44
N ARG B 77 63.38 7.80 -10.02
CA ARG B 77 63.99 7.72 -8.71
C ARG B 77 65.40 8.29 -8.69
N LEU B 78 65.84 8.95 -9.76
CA LEU B 78 67.21 9.44 -9.86
C LEU B 78 67.40 10.72 -9.06
N GLN B 79 68.65 10.94 -8.64
CA GLN B 79 69.09 12.17 -7.99
C GLN B 79 70.11 12.93 -8.87
N GLU B 80 70.06 12.72 -10.18
CA GLU B 80 70.97 13.34 -11.14
C GLU B 80 72.47 13.16 -10.85
N PRO B 81 72.94 11.90 -10.59
CA PRO B 81 74.39 11.71 -10.45
C PRO B 81 75.11 11.48 -11.78
N VAL B 82 74.38 10.96 -12.77
CA VAL B 82 74.95 10.67 -14.09
C VAL B 82 73.81 10.64 -15.08
N SER B 83 73.91 11.46 -16.13
CA SER B 83 72.99 11.42 -17.26
C SER B 83 73.66 10.77 -18.45
N LYS B 84 72.86 10.02 -19.23
CA LYS B 84 73.31 9.23 -20.37
C LYS B 84 74.48 8.32 -19.98
N ALA B 85 74.40 7.76 -18.78
CA ALA B 85 75.41 6.85 -18.22
C ALA B 85 74.83 5.44 -18.27
N LYS B 86 74.99 4.79 -19.42
CA LYS B 86 74.48 3.44 -19.65
C LYS B 86 72.96 3.41 -19.44
N GLU B 87 72.28 4.11 -20.34
CA GLU B 87 70.82 4.09 -20.35
C GLU B 87 70.34 2.72 -20.80
N ALA B 88 69.35 2.20 -20.08
CA ALA B 88 68.87 0.83 -20.21
C ALA B 88 67.36 0.80 -20.21
N HIS B 89 66.80 -0.19 -20.92
CA HIS B 89 65.38 -0.38 -21.08
C HIS B 89 65.07 -1.82 -20.74
N ILE B 90 63.91 -2.05 -20.11
CA ILE B 90 63.49 -3.40 -19.74
C ILE B 90 62.18 -3.60 -20.47
N TYR B 91 62.26 -3.99 -21.73
CA TYR B 91 61.06 -4.12 -22.51
C TYR B 91 60.41 -5.47 -22.22
N GLN B 92 59.12 -5.58 -22.57
CA GLN B 92 58.33 -6.78 -22.33
C GLN B 92 58.00 -7.41 -23.67
N VAL B 93 58.44 -8.65 -23.85
CA VAL B 93 58.09 -9.48 -25.00
C VAL B 93 57.20 -10.56 -24.45
N GLY B 94 55.91 -10.45 -24.74
CA GLY B 94 54.91 -11.38 -24.27
C GLY B 94 54.96 -11.48 -22.76
N MET B 95 55.17 -12.71 -22.27
CA MET B 95 55.30 -12.99 -20.85
C MET B 95 56.77 -13.10 -20.47
N ALA B 96 57.60 -12.16 -20.92
CA ALA B 96 59.03 -12.23 -20.62
C ALA B 96 59.62 -10.84 -20.71
N PHE B 97 60.05 -10.32 -19.57
CA PHE B 97 60.67 -9.01 -19.53
C PHE B 97 62.14 -9.23 -19.89
N TYR B 98 62.57 -8.62 -20.98
CA TYR B 98 63.92 -8.74 -21.50
C TYR B 98 64.69 -7.47 -21.22
N PHE B 99 65.87 -7.64 -20.63
CA PHE B 99 66.75 -6.54 -20.28
C PHE B 99 67.56 -6.12 -21.50
N VAL B 100 67.64 -4.81 -21.74
CA VAL B 100 68.36 -4.23 -22.86
C VAL B 100 69.27 -3.17 -22.24
N ASP B 101 70.48 -3.60 -21.85
CA ASP B 101 71.51 -2.71 -21.30
C ASP B 101 71.72 -1.48 -22.17
N GLN B 102 71.86 -1.68 -23.48
CA GLN B 102 72.12 -0.57 -24.38
C GLN B 102 70.94 0.37 -24.47
N ALA B 103 71.24 1.64 -24.73
CA ALA B 103 70.20 2.66 -24.87
C ALA B 103 69.31 2.37 -26.07
N VAL B 104 68.05 2.01 -25.80
CA VAL B 104 67.10 1.74 -26.88
C VAL B 104 66.84 3.02 -27.65
N SER B 105 66.92 2.91 -28.98
CA SER B 105 66.68 4.06 -29.85
C SER B 105 65.23 4.50 -29.80
N PHE B 106 64.30 3.56 -29.97
CA PHE B 106 62.88 3.88 -30.07
C PHE B 106 62.04 2.62 -29.94
N ASP B 107 60.86 2.78 -29.35
CA ASP B 107 59.97 1.67 -29.04
C ASP B 107 59.32 1.11 -30.31
N GLY B 108 58.59 0.01 -30.14
CA GLY B 108 57.81 -0.56 -31.23
C GLY B 108 57.21 -1.89 -30.84
N ASN B 109 57.10 -2.76 -31.85
CA ASN B 109 56.58 -4.12 -31.73
C ASN B 109 57.81 -4.98 -31.48
N ARG B 110 58.03 -5.32 -30.22
CA ARG B 110 59.13 -6.14 -29.78
C ARG B 110 58.91 -7.61 -30.12
N THR B 111 59.96 -8.28 -30.59
CA THR B 111 59.96 -9.70 -30.87
C THR B 111 61.31 -10.26 -30.46
N VAL B 112 61.34 -11.52 -30.04
CA VAL B 112 62.56 -12.20 -29.61
C VAL B 112 62.84 -13.34 -30.57
N SER B 113 63.98 -13.26 -31.25
CA SER B 113 64.44 -14.30 -32.16
C SER B 113 65.92 -14.53 -31.97
N ASP B 114 66.32 -15.79 -31.81
CA ASP B 114 67.72 -16.21 -31.71
C ASP B 114 68.46 -15.48 -30.59
N GLY B 115 67.78 -15.30 -29.46
CA GLY B 115 68.36 -14.59 -28.34
C GLY B 115 68.70 -13.15 -28.65
N LYS B 116 67.94 -12.52 -29.55
CA LYS B 116 68.10 -11.11 -29.91
C LYS B 116 66.71 -10.49 -29.98
N LEU B 117 66.61 -9.24 -29.55
CA LEU B 117 65.35 -8.51 -29.55
C LEU B 117 65.31 -7.61 -30.77
N THR B 118 64.27 -7.76 -31.58
CA THR B 118 64.03 -6.95 -32.77
C THR B 118 62.78 -6.14 -32.55
N ILE B 119 62.91 -4.81 -32.63
CA ILE B 119 61.83 -3.88 -32.41
C ILE B 119 61.47 -3.28 -33.76
N THR B 120 60.21 -3.41 -34.15
CA THR B 120 59.72 -2.95 -35.45
C THR B 120 58.69 -1.85 -35.23
N ASN B 121 58.83 -0.74 -35.95
CA ASN B 121 57.90 0.37 -35.90
C ASN B 121 57.62 0.75 -37.35
N GLY B 122 56.40 0.43 -37.80
CA GLY B 122 56.03 0.66 -39.19
C GLY B 122 56.98 -0.09 -40.09
N ASP B 123 57.48 0.62 -41.10
CA ASP B 123 58.45 0.00 -42.00
C ASP B 123 59.78 -0.25 -41.30
N LYS B 124 60.23 0.68 -40.46
CA LYS B 124 61.57 0.58 -39.90
C LYS B 124 61.66 -0.47 -38.80
N SER B 125 62.87 -1.00 -38.61
CA SER B 125 63.14 -2.01 -37.60
C SER B 125 64.59 -1.88 -37.13
N ARG B 126 64.84 -2.36 -35.92
CA ARG B 126 66.17 -2.29 -35.33
C ARG B 126 66.31 -3.35 -34.25
N ALA B 127 67.47 -4.02 -34.24
CA ALA B 127 67.75 -5.14 -33.34
C ALA B 127 68.79 -4.78 -32.28
N TYR B 128 68.65 -5.43 -31.12
CA TYR B 128 69.52 -5.24 -29.96
C TYR B 128 69.70 -6.61 -29.29
N ALA B 129 70.74 -6.71 -28.46
CA ALA B 129 71.02 -7.90 -27.67
C ALA B 129 70.30 -7.83 -26.33
N ALA B 130 69.62 -8.92 -25.95
CA ALA B 130 68.87 -8.98 -24.69
C ALA B 130 68.94 -10.37 -24.09
N GLU B 131 68.79 -10.45 -22.76
CA GLU B 131 68.82 -11.70 -22.00
C GLU B 131 67.58 -11.81 -21.13
N LYS B 132 66.89 -12.96 -21.23
CA LYS B 132 65.69 -13.21 -20.43
C LYS B 132 66.03 -13.19 -18.95
N LEU B 133 65.17 -12.54 -18.16
CA LEU B 133 65.37 -12.43 -16.72
C LEU B 133 64.66 -13.56 -15.98
N THR B 134 65.29 -14.01 -14.90
CA THR B 134 64.71 -15.04 -14.06
C THR B 134 63.76 -14.37 -13.08
N LYS B 135 62.88 -15.18 -12.47
CA LYS B 135 61.86 -14.71 -11.53
C LYS B 135 62.46 -13.81 -10.45
N GLN B 136 63.55 -14.29 -9.84
CA GLN B 136 64.23 -13.57 -8.76
C GLN B 136 64.68 -12.19 -9.23
N GLU B 137 65.29 -12.11 -10.41
CA GLU B 137 65.81 -10.83 -10.91
C GLU B 137 64.68 -9.82 -11.09
N LEU B 138 63.57 -10.27 -11.68
CA LEU B 138 62.42 -9.39 -11.91
C LEU B 138 61.88 -8.91 -10.57
N PHE B 139 61.80 -9.82 -9.59
CA PHE B 139 61.32 -9.48 -8.27
C PHE B 139 62.22 -8.45 -7.61
N GLN B 140 63.53 -8.61 -7.78
CA GLN B 140 64.48 -7.68 -7.22
C GLN B 140 64.30 -6.31 -7.82
N PHE B 141 64.03 -6.26 -9.13
CA PHE B 141 63.81 -4.97 -9.77
C PHE B 141 62.47 -4.38 -9.36
N TYR B 142 61.53 -5.21 -8.94
CA TYR B 142 60.25 -4.74 -8.46
C TYR B 142 60.32 -4.39 -6.97
N GLN B 143 61.43 -4.70 -6.30
CA GLN B 143 61.61 -4.35 -4.89
C GLN B 143 61.65 -2.85 -4.59
N PRO B 144 62.31 -1.95 -5.41
CA PRO B 144 62.29 -0.50 -5.15
C PRO B 144 60.96 0.23 -5.30
N GLU B 145 59.85 -0.45 -5.04
CA GLU B 145 58.50 0.06 -5.19
C GLU B 145 57.67 -0.43 -4.01
N ILE B 146 57.94 -1.66 -3.56
CA ILE B 146 57.27 -2.29 -2.43
C ILE B 146 57.21 -1.33 -1.24
N LYS B 147 58.32 -0.65 -0.97
CA LYS B 147 58.37 0.29 0.15
C LYS B 147 57.38 1.43 -0.05
N GLY B 148 57.24 1.89 -1.29
CA GLY B 148 56.33 2.97 -1.61
C GLY B 148 54.92 2.51 -1.90
N MET B 149 54.66 1.20 -1.90
CA MET B 149 53.34 0.63 -2.13
C MET B 149 52.56 0.41 -0.83
N VAL B 150 53.18 0.62 0.33
CA VAL B 150 52.53 0.48 1.64
C VAL B 150 52.35 1.91 2.17
N LEU B 151 52.18 2.86 1.26
CA LEU B 151 51.65 4.18 1.51
C LEU B 151 50.42 4.41 0.66
N LEU B 152 50.52 4.14 -0.64
CA LEU B 152 49.35 4.11 -1.52
C LEU B 152 48.25 3.20 -0.97
N ILE B 153 48.62 1.97 -0.58
CA ILE B 153 47.63 1.04 0.00
C ILE B 153 47.07 1.62 1.28
N ALA B 154 47.95 2.15 2.12
CA ALA B 154 47.51 2.73 3.39
C ALA B 154 46.58 3.91 3.14
N LEU B 155 46.86 4.69 2.09
CA LEU B 155 45.99 5.81 1.75
C LEU B 155 44.62 5.32 1.30
N TYR B 156 44.62 4.26 0.48
CA TYR B 156 43.36 3.66 0.03
C TYR B 156 42.59 3.13 1.22
N GLY B 157 43.28 2.47 2.13
CA GLY B 157 42.64 1.99 3.34
C GLY B 157 42.17 3.15 4.20
N GLY B 158 42.94 4.22 4.23
CA GLY B 158 42.67 5.33 5.13
C GLY B 158 41.58 6.24 4.62
N LEU B 159 41.47 6.37 3.29
CA LEU B 159 40.44 7.18 2.67
C LEU B 159 39.18 6.36 2.38
N LEU B 160 39.16 5.08 2.78
CA LEU B 160 38.01 4.22 2.65
C LEU B 160 37.31 3.99 3.97
N VAL B 161 38.00 4.23 5.09
CA VAL B 161 37.41 4.15 6.42
C VAL B 161 36.95 5.53 6.93
N PHE B 162 37.30 6.61 6.23
CA PHE B 162 36.80 7.95 6.52
C PHE B 162 35.51 8.20 5.74
N SER B 163 35.50 7.71 4.50
CA SER B 163 34.33 7.82 3.65
C SER B 163 33.17 7.05 4.24
N VAL B 164 33.46 5.91 4.85
CA VAL B 164 32.41 5.04 5.40
C VAL B 164 31.66 5.75 6.51
N PHE B 165 32.40 6.36 7.44
CA PHE B 165 31.76 7.09 8.53
C PHE B 165 30.98 8.29 8.00
N PHE B 166 31.57 9.04 7.08
CA PHE B 166 30.83 10.17 6.53
C PHE B 166 29.62 9.74 5.71
N GLN B 167 29.69 8.60 5.02
CA GLN B 167 28.54 8.09 4.27
C GLN B 167 27.39 7.73 5.23
N TYR B 168 27.71 7.10 6.36
CA TYR B 168 26.71 6.89 7.40
C TYR B 168 26.13 8.21 7.87
N GLY B 169 27.00 9.18 8.08
CA GLY B 169 26.54 10.48 8.53
C GLY B 169 25.60 11.16 7.56
N GLN B 170 25.94 11.16 6.28
CA GLN B 170 25.11 11.83 5.30
C GLN B 170 23.77 11.13 5.14
N HIS B 171 23.75 9.80 5.09
CA HIS B 171 22.48 9.11 4.98
C HIS B 171 21.59 9.39 6.18
N TYR B 172 22.14 9.31 7.38
CA TYR B 172 21.37 9.61 8.57
C TYR B 172 20.87 11.05 8.58
N LEU B 173 21.71 12.00 8.18
CA LEU B 173 21.28 13.39 8.19
C LEU B 173 20.21 13.69 7.15
N LEU B 174 20.34 13.14 5.93
CA LEU B 174 19.27 13.27 4.95
C LEU B 174 17.97 12.68 5.46
N GLN B 175 18.04 11.49 6.05
CA GLN B 175 16.87 10.87 6.69
C GLN B 175 16.27 11.79 7.74
N MET B 176 17.06 12.15 8.77
CA MET B 176 16.64 13.04 9.84
C MET B 176 15.99 14.30 9.30
N SER B 177 16.61 14.92 8.30
CA SER B 177 16.03 16.10 7.71
C SER B 177 14.69 15.80 7.07
N ALA B 178 14.56 14.67 6.37
CA ALA B 178 13.29 14.29 5.78
C ALA B 178 12.21 14.10 6.82
N ASN B 179 12.47 13.26 7.82
CA ASN B 179 11.47 13.01 8.84
C ASN B 179 11.13 14.24 9.65
N ARG B 180 12.08 15.15 9.85
CA ARG B 180 11.77 16.36 10.58
C ARG B 180 10.91 17.30 9.74
N ILE B 181 11.19 17.37 8.44
CA ILE B 181 10.38 18.16 7.53
C ILE B 181 8.96 17.61 7.50
N ILE B 182 8.83 16.29 7.48
CA ILE B 182 7.51 15.68 7.43
C ILE B 182 6.80 15.84 8.75
N GLN B 183 7.53 15.85 9.86
CA GLN B 183 6.94 16.15 11.15
C GLN B 183 6.34 17.54 11.15
N LYS B 184 7.09 18.52 10.66
CA LYS B 184 6.57 19.87 10.56
C LYS B 184 5.38 19.94 9.61
N MET B 185 5.41 19.16 8.54
CA MET B 185 4.31 19.17 7.59
C MET B 185 3.06 18.56 8.18
N ARG B 186 3.19 17.46 8.91
CA ARG B 186 2.05 16.84 9.55
C ARG B 186 1.46 17.74 10.62
N GLN B 187 2.32 18.38 11.40
CA GLN B 187 1.82 19.31 12.41
C GLN B 187 1.11 20.50 11.78
N ASP B 188 1.67 21.05 10.71
CA ASP B 188 1.04 22.16 10.02
C ASP B 188 -0.30 21.77 9.41
N VAL B 189 -0.37 20.58 8.81
CA VAL B 189 -1.59 20.14 8.18
C VAL B 189 -2.67 19.89 9.22
N PHE B 190 -2.30 19.31 10.36
CA PHE B 190 -3.30 19.04 11.37
C PHE B 190 -3.77 20.33 12.04
N SER B 191 -2.85 21.28 12.23
CA SER B 191 -3.26 22.57 12.78
C SER B 191 -4.16 23.31 11.80
N HIS B 192 -3.89 23.19 10.50
CA HIS B 192 -4.76 23.79 9.50
C HIS B 192 -6.08 23.06 9.40
N ILE B 193 -6.09 21.76 9.64
CA ILE B 193 -7.34 21.02 9.72
C ILE B 193 -8.19 21.55 10.86
N GLN B 194 -7.59 21.77 12.02
CA GLN B 194 -8.33 22.22 13.18
C GLN B 194 -8.89 23.62 12.97
N LYS B 195 -8.22 24.44 12.17
CA LYS B 195 -8.72 25.76 11.81
C LYS B 195 -9.79 25.71 10.74
N MET B 196 -9.85 24.66 9.94
CA MET B 196 -10.73 24.63 8.78
C MET B 196 -12.17 24.31 9.19
N PRO B 197 -13.15 24.65 8.36
CA PRO B 197 -14.53 24.49 8.77
C PRO B 197 -15.03 23.06 8.63
N ILE B 198 -16.24 22.85 9.14
CA ILE B 198 -16.93 21.57 9.06
C ILE B 198 -17.27 21.21 7.62
N ARG B 199 -17.45 22.22 6.75
CA ARG B 199 -17.89 21.99 5.37
C ARG B 199 -16.95 21.06 4.61
N TYR B 200 -15.64 21.22 4.80
CA TYR B 200 -14.68 20.35 4.15
C TYR B 200 -14.86 18.90 4.57
N PHE B 201 -15.15 18.68 5.85
CA PHE B 201 -15.42 17.34 6.34
C PHE B 201 -16.74 16.81 5.83
N ASP B 202 -17.74 17.67 5.68
CA ASP B 202 -19.05 17.23 5.22
C ASP B 202 -19.10 16.98 3.72
N ASN B 203 -18.18 17.55 2.96
CA ASN B 203 -18.11 17.26 1.54
C ASN B 203 -17.65 15.84 1.27
N LEU B 204 -16.39 15.54 1.63
CA LEU B 204 -15.73 14.28 1.41
C LEU B 204 -15.65 13.47 2.70
N PRO B 205 -15.49 12.14 2.63
CA PRO B 205 -15.41 11.36 3.87
C PRO B 205 -14.17 11.63 4.70
N ALA B 206 -14.06 10.90 5.82
CA ALA B 206 -12.89 10.97 6.67
C ALA B 206 -11.65 10.37 5.99
N GLY B 207 -11.84 9.44 5.07
CA GLY B 207 -10.71 8.75 4.49
C GLY B 207 -9.81 9.63 3.67
N LYS B 208 -10.39 10.52 2.87
CA LYS B 208 -9.58 11.45 2.09
C LYS B 208 -8.82 12.41 2.99
N VAL B 209 -9.45 12.86 4.08
CA VAL B 209 -8.79 13.74 5.03
C VAL B 209 -7.60 13.04 5.67
N VAL B 210 -7.81 11.83 6.17
CA VAL B 210 -6.74 11.08 6.81
C VAL B 210 -5.65 10.74 5.82
N ALA B 211 -6.01 10.48 4.57
CA ALA B 211 -5.01 10.22 3.55
C ALA B 211 -4.17 11.45 3.30
N ARG B 212 -4.78 12.61 3.32
CA ARG B 212 -4.02 13.84 3.14
C ARG B 212 -3.10 14.10 4.32
N ILE B 213 -3.54 13.77 5.53
CA ILE B 213 -2.71 14.03 6.70
C ILE B 213 -1.56 13.04 6.77
N THR B 214 -1.85 11.75 6.63
CA THR B 214 -0.93 10.68 6.97
C THR B 214 -0.31 9.99 5.76
N ASN B 215 -1.13 9.47 4.86
CA ASN B 215 -0.60 8.67 3.76
C ASN B 215 0.16 9.54 2.76
N ASP B 216 -0.41 10.69 2.39
CA ASP B 216 0.25 11.57 1.46
C ASP B 216 1.53 12.16 2.03
N THR B 217 1.59 12.35 3.33
CA THR B 217 2.84 12.79 3.92
C THR B 217 3.89 11.69 3.89
N GLU B 218 3.49 10.42 3.97
CA GLU B 218 4.47 9.36 3.74
C GLU B 218 4.94 9.36 2.31
N ALA B 219 4.05 9.67 1.37
CA ALA B 219 4.47 9.84 -0.02
C ALA B 219 5.47 10.97 -0.16
N ILE B 220 5.26 12.06 0.55
CA ILE B 220 6.18 13.17 0.49
C ILE B 220 7.50 12.81 1.16
N ARG B 221 7.46 11.96 2.18
CA ARG B 221 8.69 11.47 2.77
C ARG B 221 9.49 10.66 1.77
N ASP B 222 8.80 9.79 1.04
CA ASP B 222 9.46 9.03 -0.02
C ASP B 222 9.99 9.94 -1.10
N LEU B 223 9.28 11.03 -1.40
CA LEU B 223 9.76 12.00 -2.36
C LEU B 223 11.04 12.68 -1.89
N TYR B 224 11.07 13.10 -0.63
CA TYR B 224 12.25 13.79 -0.13
C TYR B 224 13.43 12.85 -0.05
N VAL B 225 13.21 11.62 0.43
CA VAL B 225 14.29 10.64 0.47
C VAL B 225 14.73 10.25 -0.93
N THR B 226 13.83 10.25 -1.90
CA THR B 226 14.14 9.99 -3.29
C THR B 226 15.09 11.07 -3.79
N VAL B 227 14.59 12.30 -3.83
CA VAL B 227 15.35 13.47 -4.26
C VAL B 227 16.72 13.55 -3.62
N LEU B 228 16.80 13.23 -2.34
CA LEU B 228 18.04 13.44 -1.60
C LEU B 228 18.98 12.25 -1.73
N SER B 229 18.48 11.05 -1.50
CA SER B 229 19.32 9.84 -1.54
C SER B 229 19.54 9.26 -2.92
N THR B 230 18.67 9.55 -3.89
CA THR B 230 18.75 8.98 -5.23
C THR B 230 19.26 9.99 -6.25
N PHE B 231 18.64 11.16 -6.34
CA PHE B 231 19.05 12.17 -7.31
C PHE B 231 20.23 12.99 -6.85
N VAL B 232 20.14 13.61 -5.67
CA VAL B 232 21.20 14.49 -5.19
C VAL B 232 22.49 13.71 -4.93
N THR B 233 22.39 12.62 -4.17
CA THR B 233 23.54 11.77 -3.88
C THR B 233 24.24 11.30 -5.14
N SER B 234 23.52 10.62 -6.01
CA SER B 234 24.08 10.15 -7.27
C SER B 234 24.56 11.29 -8.14
N GLY B 235 23.90 12.44 -8.11
CA GLY B 235 24.38 13.59 -8.85
C GLY B 235 25.75 14.06 -8.42
N ILE B 236 25.93 14.26 -7.11
CA ILE B 236 27.24 14.61 -6.56
C ILE B 236 28.26 13.52 -6.85
N TYR B 237 27.86 12.26 -6.71
CA TYR B 237 28.73 11.12 -7.00
C TYR B 237 29.21 11.15 -8.44
N MET B 238 28.28 11.29 -9.39
CA MET B 238 28.61 11.36 -10.80
C MET B 238 29.47 12.57 -11.13
N PHE B 239 29.22 13.69 -10.48
CA PHE B 239 30.03 14.89 -10.67
C PHE B 239 31.47 14.64 -10.26
N GLY B 240 31.68 14.09 -9.07
CA GLY B 240 33.01 13.72 -8.64
C GLY B 240 33.68 12.70 -9.55
N ILE B 241 32.90 11.74 -10.03
CA ILE B 241 33.43 10.75 -10.96
C ILE B 241 33.93 11.39 -12.23
N PHE B 242 33.12 12.23 -12.85
CA PHE B 242 33.56 12.90 -14.07
C PHE B 242 34.73 13.84 -13.82
N THR B 243 34.77 14.48 -12.65
CA THR B 243 35.96 15.24 -12.25
C THR B 243 37.21 14.38 -12.29
N ALA B 244 37.15 13.20 -11.67
CA ALA B 244 38.29 12.30 -11.70
C ALA B 244 38.62 11.83 -13.11
N LEU B 245 37.61 11.47 -13.88
CA LEU B 245 37.83 11.02 -15.25
C LEU B 245 38.49 12.09 -16.11
N PHE B 246 38.10 13.35 -15.92
CA PHE B 246 38.78 14.43 -16.63
C PHE B 246 40.18 14.69 -16.09
N LEU B 247 40.42 14.49 -14.80
CA LEU B 247 41.80 14.55 -14.33
C LEU B 247 42.66 13.43 -14.88
N LEU B 248 42.06 12.29 -15.19
CA LEU B 248 42.79 11.16 -15.74
C LEU B 248 43.07 11.33 -17.24
N ASP B 249 42.00 11.31 -18.04
CA ASP B 249 42.08 11.42 -19.49
C ASP B 249 40.90 12.27 -19.93
N VAL B 250 41.19 13.47 -20.43
CA VAL B 250 40.14 14.37 -20.90
C VAL B 250 39.52 13.86 -22.19
N LYS B 251 40.33 13.27 -23.07
CA LYS B 251 39.83 12.84 -24.37
C LYS B 251 38.84 11.70 -24.22
N LEU B 252 39.13 10.75 -23.36
CA LEU B 252 38.23 9.65 -23.08
C LEU B 252 37.08 10.06 -22.19
N ALA B 253 37.31 10.98 -21.27
CA ALA B 253 36.25 11.48 -20.41
C ALA B 253 35.17 12.19 -21.20
N PHE B 254 35.54 12.90 -22.26
CA PHE B 254 34.52 13.48 -23.14
C PHE B 254 33.74 12.42 -23.91
N VAL B 255 34.28 11.21 -24.06
CA VAL B 255 33.46 10.09 -24.52
C VAL B 255 32.53 9.63 -23.41
N ALA B 256 33.06 9.51 -22.18
CA ALA B 256 32.29 9.00 -21.05
C ALA B 256 31.11 9.91 -20.71
N LEU B 257 31.23 11.20 -20.99
CA LEU B 257 30.11 12.13 -20.86
C LEU B 257 28.94 11.82 -21.78
N ALA B 258 29.14 11.00 -22.82
CA ALA B 258 28.03 10.55 -23.65
C ALA B 258 26.95 9.82 -22.88
N ILE B 259 27.30 9.21 -21.74
CA ILE B 259 26.33 8.55 -20.89
C ILE B 259 25.27 9.50 -20.35
N VAL B 260 25.58 10.77 -20.15
CA VAL B 260 24.59 11.71 -19.61
C VAL B 260 23.44 11.98 -20.57
N PRO B 261 23.66 12.30 -21.84
CA PRO B 261 22.55 12.31 -22.79
C PRO B 261 21.81 11.00 -22.89
N ILE B 262 22.52 9.88 -22.75
CA ILE B 262 21.88 8.57 -22.75
C ILE B 262 20.91 8.45 -21.59
N ILE B 263 21.35 8.84 -20.39
CA ILE B 263 20.48 8.79 -19.22
C ILE B 263 19.30 9.72 -19.40
N TRP B 264 19.51 10.88 -20.02
CA TRP B 264 18.41 11.80 -20.28
C TRP B 264 17.36 11.15 -21.15
N LEU B 265 17.82 10.55 -22.25
CA LEU B 265 16.95 9.92 -23.28
C LEU B 265 16.17 8.76 -22.65
N TRP B 266 16.88 7.82 -22.03
CA TRP B 266 16.30 6.59 -21.42
C TRP B 266 15.33 6.98 -20.29
N SER B 267 15.68 7.91 -19.39
CA SER B 267 14.79 8.29 -18.27
C SER B 267 13.53 8.96 -18.81
N VAL B 268 13.65 9.73 -19.89
CA VAL B 268 12.52 10.45 -20.55
C VAL B 268 11.57 9.42 -21.18
N ILE B 269 12.10 8.47 -21.97
CA ILE B 269 11.32 7.40 -22.58
C ILE B 269 10.65 6.52 -21.53
N TYR B 270 11.42 6.11 -20.52
CA TYR B 270 10.87 5.29 -19.45
C TYR B 270 9.71 5.99 -18.76
N ARG B 271 9.87 7.27 -18.43
CA ARG B 271 8.77 8.06 -17.92
C ARG B 271 7.56 8.02 -18.84
N ARG B 272 7.77 8.35 -20.12
CA ARG B 272 6.69 8.50 -21.09
C ARG B 272 5.85 7.23 -21.25
N TYR B 273 6.50 6.06 -21.27
CA TYR B 273 5.78 4.80 -21.38
C TYR B 273 5.34 4.20 -20.04
N ALA B 274 6.24 4.14 -19.08
CA ALA B 274 5.93 3.49 -17.82
C ALA B 274 4.90 4.21 -17.02
N SER B 275 4.77 5.52 -17.17
CA SER B 275 3.69 6.22 -16.51
C SER B 275 2.35 5.68 -16.97
N TYR B 276 2.20 5.50 -18.27
CA TYR B 276 0.98 4.92 -18.83
C TYR B 276 0.76 3.50 -18.33
N TYR B 277 1.78 2.66 -18.44
CA TYR B 277 1.59 1.26 -18.09
C TYR B 277 1.33 1.08 -16.60
N ASN B 278 2.07 1.76 -15.74
CA ASN B 278 1.88 1.61 -14.31
C ASN B 278 0.59 2.24 -13.85
N GLN B 279 0.14 3.32 -14.50
CA GLN B 279 -1.17 3.86 -14.18
C GLN B 279 -2.26 2.85 -14.49
N LYS B 280 -2.15 2.20 -15.65
CA LYS B 280 -3.16 1.22 -16.01
C LYS B 280 -3.13 0.00 -15.11
N ILE B 281 -1.94 -0.41 -14.68
CA ILE B 281 -1.85 -1.54 -13.77
C ILE B 281 -2.47 -1.20 -12.42
N ARG B 282 -2.18 -0.01 -11.89
CA ARG B 282 -2.74 0.36 -10.60
C ARG B 282 -4.26 0.50 -10.69
N SER B 283 -4.75 1.08 -11.78
CA SER B 283 -6.19 1.23 -11.95
C SER B 283 -6.86 -0.11 -12.07
N ILE B 284 -6.29 -1.03 -12.84
CA ILE B 284 -6.90 -2.33 -13.02
C ILE B 284 -6.80 -3.15 -11.74
N ASN B 285 -5.74 -3.00 -10.96
CA ASN B 285 -5.66 -3.73 -9.70
C ASN B 285 -6.70 -3.23 -8.72
N SER B 286 -6.94 -1.92 -8.70
CA SER B 286 -8.01 -1.39 -7.88
C SER B 286 -9.37 -1.90 -8.35
N ASP B 287 -9.55 -1.99 -9.67
CA ASP B 287 -10.80 -2.54 -10.21
C ASP B 287 -10.98 -4.00 -9.82
N ILE B 288 -9.90 -4.76 -9.79
CA ILE B 288 -9.98 -6.17 -9.43
C ILE B 288 -10.33 -6.33 -7.96
N ASN B 289 -9.68 -5.55 -7.10
CA ASN B 289 -10.01 -5.62 -5.69
C ASN B 289 -11.44 -5.14 -5.44
N ALA B 290 -11.92 -4.20 -6.23
CA ALA B 290 -13.30 -3.77 -6.12
C ALA B 290 -14.25 -4.89 -6.54
N LYS B 291 -13.92 -5.62 -7.61
CA LYS B 291 -14.75 -6.74 -8.02
C LYS B 291 -14.78 -7.82 -6.96
N MET B 292 -13.64 -8.12 -6.36
CA MET B 292 -13.61 -9.12 -5.31
C MET B 292 -14.42 -8.69 -4.09
N ASN B 293 -14.34 -7.42 -3.70
CA ASN B 293 -15.11 -6.96 -2.56
C ASN B 293 -16.60 -6.97 -2.86
N GLU B 294 -17.01 -6.48 -4.04
CA GLU B 294 -18.42 -6.55 -4.42
C GLU B 294 -18.94 -7.97 -4.47
N SER B 295 -18.13 -8.89 -4.98
CA SER B 295 -18.51 -10.29 -5.02
C SER B 295 -18.69 -10.86 -3.63
N ILE B 296 -17.67 -10.75 -2.77
CA ILE B 296 -17.72 -11.32 -1.43
C ILE B 296 -18.86 -10.72 -0.61
N GLN B 297 -19.06 -9.42 -0.73
CA GLN B 297 -20.20 -8.82 -0.04
C GLN B 297 -21.52 -9.30 -0.64
N GLY B 298 -21.57 -9.49 -1.96
CA GLY B 298 -22.77 -9.93 -2.65
C GLY B 298 -22.71 -11.33 -3.23
N MET B 299 -22.02 -12.24 -2.56
CA MET B 299 -21.92 -13.61 -3.06
C MET B 299 -23.26 -14.32 -3.05
N THR B 300 -24.05 -14.12 -2.00
CA THR B 300 -25.33 -14.79 -1.87
C THR B 300 -26.27 -14.41 -3.01
N ILE B 301 -26.24 -13.14 -3.39
CA ILE B 301 -27.07 -12.68 -4.49
C ILE B 301 -26.62 -13.29 -5.81
N ILE B 302 -25.31 -13.42 -6.02
CA ILE B 302 -24.82 -14.06 -7.23
C ILE B 302 -25.26 -15.51 -7.30
N GLN B 303 -25.08 -16.24 -6.20
CA GLN B 303 -25.53 -17.63 -6.15
C GLN B 303 -27.03 -17.76 -6.38
N ALA B 304 -27.81 -16.82 -5.85
CA ALA B 304 -29.26 -16.87 -6.02
C ALA B 304 -29.65 -16.78 -7.49
N PHE B 305 -29.04 -15.86 -8.22
CA PHE B 305 -29.32 -15.62 -9.63
C PHE B 305 -28.34 -16.26 -10.59
N ARG B 306 -27.29 -16.92 -10.09
CA ARG B 306 -26.35 -17.68 -10.92
C ARG B 306 -25.56 -16.78 -11.88
N HIS B 307 -25.20 -15.60 -11.41
CA HIS B 307 -24.38 -14.68 -12.17
C HIS B 307 -22.89 -14.94 -12.04
N GLN B 308 -22.51 -16.09 -11.46
CA GLN B 308 -21.10 -16.36 -11.20
C GLN B 308 -20.30 -16.50 -12.48
N LYS B 309 -20.90 -17.06 -13.53
CA LYS B 309 -20.17 -17.25 -14.77
C LYS B 309 -19.85 -15.91 -15.43
N GLU B 310 -20.85 -15.04 -15.51
CA GLU B 310 -20.63 -13.71 -16.05
C GLU B 310 -19.70 -12.89 -15.16
N THR B 311 -19.81 -13.07 -13.85
CA THR B 311 -18.91 -12.37 -12.94
C THR B 311 -17.47 -12.81 -13.12
N MET B 312 -17.24 -14.10 -13.25
CA MET B 312 -15.91 -14.60 -13.52
C MET B 312 -15.42 -14.15 -14.89
N ARG B 313 -16.32 -14.00 -15.85
CA ARG B 313 -15.93 -13.46 -17.15
C ARG B 313 -15.41 -12.04 -17.01
N GLU B 314 -16.12 -11.21 -16.24
CA GLU B 314 -15.67 -9.84 -16.03
C GLU B 314 -14.35 -9.80 -15.27
N PHE B 315 -14.22 -10.66 -14.28
CA PHE B 315 -12.97 -10.74 -13.53
C PHE B 315 -11.81 -11.14 -14.43
N GLU B 316 -12.01 -12.14 -15.28
CA GLU B 316 -10.93 -12.57 -16.16
C GLU B 316 -10.65 -11.54 -17.23
N GLU B 317 -11.63 -10.73 -17.61
CA GLU B 317 -11.36 -9.62 -18.50
C GLU B 317 -10.40 -8.63 -17.85
N LEU B 318 -10.69 -8.25 -16.60
CA LEU B 318 -9.80 -7.34 -15.89
C LEU B 318 -8.43 -7.96 -15.65
N ASN B 319 -8.41 -9.23 -15.27
CA ASN B 319 -7.16 -9.90 -14.95
C ASN B 319 -6.30 -10.10 -16.18
N GLU B 320 -6.91 -10.38 -17.32
CA GLU B 320 -6.15 -10.52 -18.54
C GLU B 320 -5.65 -9.18 -19.04
N SER B 321 -6.42 -8.11 -18.85
CA SER B 321 -5.90 -6.79 -19.21
C SER B 321 -4.72 -6.40 -18.31
N HIS B 322 -4.81 -6.77 -17.04
CA HIS B 322 -3.70 -6.60 -16.11
C HIS B 322 -2.48 -7.37 -16.61
N PHE B 323 -2.68 -8.60 -17.04
CA PHE B 323 -1.57 -9.41 -17.52
C PHE B 323 -0.98 -8.83 -18.79
N TYR B 324 -1.81 -8.24 -19.65
CA TYR B 324 -1.29 -7.64 -20.87
C TYR B 324 -0.44 -6.43 -20.55
N PHE B 325 -0.94 -5.52 -19.72
CA PHE B 325 -0.15 -4.35 -19.41
C PHE B 325 1.08 -4.68 -18.59
N GLN B 326 0.99 -5.67 -17.72
CA GLN B 326 2.14 -6.05 -16.95
C GLN B 326 3.18 -6.72 -17.82
N ASN B 327 2.76 -7.48 -18.81
CA ASN B 327 3.71 -8.09 -19.72
C ASN B 327 4.36 -7.06 -20.63
N ARG B 328 3.61 -6.03 -21.02
CA ARG B 328 4.21 -4.95 -21.80
C ARG B 328 5.23 -4.17 -20.99
N MET B 329 4.93 -3.91 -19.73
CA MET B 329 5.90 -3.24 -18.88
C MET B 329 7.10 -4.12 -18.63
N LEU B 330 6.91 -5.43 -18.61
CA LEU B 330 8.04 -6.33 -18.53
C LEU B 330 8.90 -6.24 -19.76
N ASN B 331 8.28 -6.09 -20.93
CA ASN B 331 9.07 -5.94 -22.15
C ASN B 331 9.89 -4.67 -22.11
N LEU B 332 9.30 -3.57 -21.67
CA LEU B 332 10.03 -2.31 -21.53
C LEU B 332 11.16 -2.42 -20.52
N ASN B 333 10.88 -2.98 -19.36
CA ASN B 333 11.91 -3.09 -18.34
C ASN B 333 13.02 -4.03 -18.76
N SER B 334 12.70 -5.04 -19.56
CA SER B 334 13.73 -5.93 -20.06
C SER B 334 14.63 -5.22 -21.04
N LEU B 335 14.04 -4.55 -22.03
CA LEU B 335 14.82 -3.85 -23.03
C LEU B 335 15.61 -2.69 -22.47
N MET B 336 15.13 -2.03 -21.40
CA MET B 336 15.53 -0.67 -21.08
C MET B 336 15.76 -0.42 -19.60
N SER B 337 16.10 -1.44 -18.78
CA SER B 337 16.48 -1.23 -17.39
C SER B 337 17.91 -1.69 -17.07
N HIS B 338 18.19 -2.97 -17.09
CA HIS B 338 19.45 -3.58 -16.67
C HIS B 338 20.25 -4.11 -17.83
N ASN B 339 19.56 -4.80 -18.73
CA ASN B 339 20.16 -5.24 -19.98
C ASN B 339 20.83 -4.10 -20.71
N LEU B 340 20.19 -2.94 -20.74
CA LEU B 340 20.82 -1.77 -21.32
C LEU B 340 22.04 -1.32 -20.53
N VAL B 341 22.01 -1.42 -19.21
CA VAL B 341 23.19 -1.11 -18.41
C VAL B 341 24.34 -2.01 -18.79
N ASN B 342 24.09 -3.31 -18.88
CA ASN B 342 25.13 -4.24 -19.29
C ASN B 342 25.65 -3.90 -20.69
N VAL B 343 24.75 -3.51 -21.59
CA VAL B 343 25.17 -3.06 -22.90
C VAL B 343 26.10 -1.87 -22.80
N ILE B 344 25.72 -0.86 -22.04
CA ILE B 344 26.55 0.34 -21.90
C ILE B 344 27.89 -0.02 -21.28
N ARG B 345 27.88 -0.94 -20.32
CA ARG B 345 29.13 -1.35 -19.70
C ARG B 345 30.06 -2.02 -20.71
N ASN B 346 29.54 -2.99 -21.47
CA ASN B 346 30.38 -3.65 -22.46
C ASN B 346 30.85 -2.69 -23.55
N LEU B 347 29.98 -1.80 -24.01
CA LEU B 347 30.41 -0.80 -24.98
C LEU B 347 31.47 0.14 -24.41
N ALA B 348 31.39 0.46 -23.12
CA ALA B 348 32.46 1.21 -22.49
C ALA B 348 33.77 0.46 -22.55
N PHE B 349 33.75 -0.83 -22.24
CA PHE B 349 34.95 -1.65 -22.38
C PHE B 349 35.48 -1.62 -23.82
N VAL B 350 34.58 -1.64 -24.80
CA VAL B 350 34.97 -1.48 -26.19
C VAL B 350 35.70 -0.16 -26.40
N ALA B 351 35.14 0.94 -25.89
CA ALA B 351 35.75 2.24 -26.08
C ALA B 351 37.11 2.30 -25.41
N LEU B 352 37.23 1.67 -24.25
CA LEU B 352 38.51 1.57 -23.56
C LEU B 352 39.53 0.80 -24.40
N ILE B 353 39.15 -0.39 -24.86
CA ILE B 353 40.05 -1.22 -25.66
C ILE B 353 40.49 -0.50 -26.92
N TRP B 354 39.55 0.14 -27.62
CA TRP B 354 39.87 0.88 -28.82
C TRP B 354 40.86 2.01 -28.54
N HIS B 355 40.55 2.86 -27.55
CA HIS B 355 41.38 4.01 -27.24
C HIS B 355 42.77 3.59 -26.79
N PHE B 356 42.85 2.70 -25.81
CA PHE B 356 44.14 2.26 -25.31
C PHE B 356 44.88 1.40 -26.32
N GLY B 357 44.19 0.67 -27.20
CA GLY B 357 44.89 0.02 -28.29
C GLY B 357 45.53 1.01 -29.24
N GLY B 358 44.79 2.04 -29.63
CA GLY B 358 45.40 3.15 -30.37
C GLY B 358 46.57 3.78 -29.65
N ALA B 359 46.50 3.84 -28.32
CA ALA B 359 47.65 4.26 -27.54
C ALA B 359 48.80 3.26 -27.66
N SER B 360 48.50 1.96 -27.65
CA SER B 360 49.50 0.92 -27.84
C SER B 360 50.11 0.92 -29.23
N LEU B 361 49.44 1.55 -30.18
CA LEU B 361 50.04 1.95 -31.45
C LEU B 361 50.75 3.26 -31.18
N ASN B 362 51.72 3.60 -32.03
CA ASN B 362 52.65 4.69 -31.74
C ASN B 362 53.19 4.56 -30.30
N ALA B 363 53.50 5.65 -29.58
CA ALA B 363 54.22 5.58 -28.30
C ALA B 363 53.50 6.31 -27.17
N ALA B 364 52.16 6.24 -27.15
CA ALA B 364 51.34 6.80 -26.07
C ALA B 364 50.66 5.75 -25.19
N GLY B 365 50.98 4.45 -25.36
CA GLY B 365 50.38 3.36 -24.59
C GLY B 365 51.23 2.73 -23.51
N ILE B 366 52.15 3.48 -22.91
CA ILE B 366 53.14 2.93 -22.00
C ILE B 366 52.74 3.11 -20.53
N VAL B 367 52.20 4.28 -20.19
CA VAL B 367 51.90 4.68 -18.82
C VAL B 367 50.39 4.75 -18.58
N SER B 368 49.58 4.26 -19.52
CA SER B 368 48.15 4.53 -19.55
C SER B 368 47.28 3.43 -18.98
N ILE B 369 47.82 2.25 -18.70
CA ILE B 369 46.98 1.13 -18.25
C ILE B 369 46.40 1.39 -16.87
N GLY B 370 47.10 2.13 -16.02
CA GLY B 370 46.52 2.54 -14.76
C GLY B 370 45.26 3.36 -14.93
N VAL B 371 45.22 4.21 -15.96
CA VAL B 371 44.01 4.94 -16.28
C VAL B 371 42.91 3.98 -16.70
N LEU B 372 43.26 2.92 -17.41
CA LEU B 372 42.28 1.89 -17.76
C LEU B 372 41.65 1.28 -16.52
N TYR B 373 42.49 0.90 -15.56
CA TYR B 373 41.97 0.37 -14.30
C TYR B 373 41.07 1.37 -13.60
N ALA B 374 41.47 2.63 -13.57
CA ALA B 374 40.66 3.62 -12.88
C ALA B 374 39.34 3.85 -13.57
N PHE B 375 39.33 3.93 -14.89
CA PHE B 375 38.08 4.03 -15.63
C PHE B 375 37.18 2.83 -15.37
N VAL B 376 37.75 1.63 -15.39
CA VAL B 376 36.96 0.43 -15.15
C VAL B 376 36.35 0.43 -13.76
N ASP B 377 37.10 0.92 -12.77
CA ASP B 377 36.58 0.98 -11.41
C ASP B 377 35.55 2.07 -11.24
N TYR B 378 35.75 3.22 -11.89
CA TYR B 378 34.81 4.33 -11.74
C TYR B 378 33.51 4.08 -12.48
N LEU B 379 33.57 3.55 -13.70
CA LEU B 379 32.36 3.37 -14.48
C LEU B 379 31.40 2.38 -13.86
N ASN B 380 31.88 1.36 -13.18
CA ASN B 380 30.97 0.50 -12.44
C ASN B 380 30.23 1.28 -11.37
N ARG B 381 30.91 2.22 -10.72
CA ARG B 381 30.25 3.10 -9.77
C ARG B 381 29.29 4.07 -10.46
N LEU B 382 29.54 4.39 -11.72
CA LEU B 382 28.69 5.32 -12.46
C LEU B 382 27.42 4.66 -12.96
N PHE B 383 27.51 3.44 -13.49
CA PHE B 383 26.38 2.75 -14.08
C PHE B 383 25.51 2.01 -13.09
N GLN B 384 25.94 1.84 -11.84
CA GLN B 384 25.07 1.26 -10.82
C GLN B 384 23.80 2.06 -10.59
N PRO B 385 23.86 3.32 -10.12
CA PRO B 385 22.64 4.02 -9.73
C PRO B 385 21.76 4.51 -10.87
N ILE B 386 22.11 4.25 -12.12
CA ILE B 386 21.34 4.77 -13.25
C ILE B 386 19.93 4.21 -13.24
N THR B 387 19.81 2.91 -12.96
CA THR B 387 18.50 2.28 -12.85
C THR B 387 17.67 2.89 -11.73
N GLY B 388 18.27 3.06 -10.56
CA GLY B 388 17.56 3.71 -9.48
C GLY B 388 17.09 5.11 -9.80
N ILE B 389 17.95 5.91 -10.43
CA ILE B 389 17.59 7.24 -10.89
C ILE B 389 16.39 7.20 -11.83
N VAL B 390 16.45 6.34 -12.84
CA VAL B 390 15.42 6.26 -13.85
C VAL B 390 14.08 5.83 -13.27
N ASN B 391 14.08 4.75 -12.50
CA ASN B 391 12.86 4.29 -11.86
C ASN B 391 12.26 5.32 -10.93
N GLN B 392 13.08 5.99 -10.13
CA GLN B 392 12.55 6.99 -9.23
C GLN B 392 12.03 8.21 -9.98
N PHE B 393 12.67 8.59 -11.08
CA PHE B 393 12.14 9.62 -11.96
C PHE B 393 10.77 9.24 -12.48
N SER B 394 10.58 7.97 -12.83
CA SER B 394 9.27 7.53 -13.28
C SER B 394 8.25 7.59 -12.15
N LYS B 395 8.68 7.29 -10.93
CA LYS B 395 7.79 7.25 -9.78
C LYS B 395 7.52 8.60 -9.14
N LEU B 396 8.23 9.66 -9.53
CA LEU B 396 8.02 10.96 -8.91
C LEU B 396 6.65 11.55 -9.17
N GLU B 397 5.95 11.14 -10.22
CA GLU B 397 4.70 11.80 -10.58
C GLU B 397 3.62 11.54 -9.56
N LEU B 398 3.54 10.32 -9.05
CA LEU B 398 2.56 9.99 -8.03
C LEU B 398 2.83 10.75 -6.75
N ALA B 399 4.10 10.95 -6.42
CA ALA B 399 4.45 11.70 -5.23
C ALA B 399 4.12 13.17 -5.40
N ARG B 400 4.33 13.70 -6.59
CA ARG B 400 3.91 15.07 -6.86
C ARG B 400 2.40 15.21 -6.77
N VAL B 401 1.66 14.18 -7.18
CA VAL B 401 0.21 14.19 -7.05
C VAL B 401 -0.21 14.25 -5.59
N SER B 402 0.40 13.38 -4.77
CA SER B 402 0.08 13.37 -3.33
C SER B 402 0.46 14.68 -2.66
N ALA B 403 1.60 15.25 -3.04
CA ALA B 403 2.02 16.50 -2.46
C ALA B 403 1.11 17.64 -2.86
N GLY B 404 0.66 17.66 -4.11
CA GLY B 404 -0.30 18.67 -4.52
C GLY B 404 -1.61 18.51 -3.80
N ARG B 405 -2.01 17.28 -3.52
CA ARG B 405 -3.25 17.06 -2.77
C ARG B 405 -3.12 17.54 -1.34
N VAL B 406 -1.91 17.52 -0.78
CA VAL B 406 -1.70 18.09 0.55
C VAL B 406 -1.66 19.60 0.50
N PHE B 407 -0.96 20.17 -0.47
CA PHE B 407 -0.81 21.61 -0.54
C PHE B 407 -2.10 22.31 -0.96
N GLU B 408 -3.03 21.57 -1.57
CA GLU B 408 -4.37 22.08 -1.72
C GLU B 408 -5.00 22.32 -0.36
N LEU B 409 -4.81 21.38 0.57
CA LEU B 409 -5.36 21.52 1.90
C LEU B 409 -4.68 22.64 2.67
N LEU B 410 -3.36 22.72 2.58
CA LEU B 410 -2.64 23.74 3.33
C LEU B 410 -2.95 25.14 2.82
N GLU B 411 -3.08 25.31 1.51
CA GLU B 411 -3.31 26.61 0.92
C GLU B 411 -4.77 27.06 0.96
N GLU B 412 -5.68 26.26 1.50
CA GLU B 412 -7.06 26.66 1.60
C GLU B 412 -7.23 27.86 2.54
N LYS B 413 -8.15 28.73 2.18
CA LYS B 413 -8.44 29.99 2.85
C LYS B 413 -9.66 29.78 3.76
N ASN B 414 -10.24 30.88 4.22
CA ASN B 414 -11.46 30.93 5.05
C ASN B 414 -11.33 30.10 6.33
N THR B 415 -10.12 30.11 6.89
CA THR B 415 -9.88 29.43 8.15
C THR B 415 -10.62 30.11 9.29
N GLU B 416 -10.89 29.32 10.33
CA GLU B 416 -11.66 29.73 11.50
C GLU B 416 -10.77 30.04 12.69
N GLU B 417 -9.59 30.59 12.45
CA GLU B 417 -8.64 30.82 13.54
C GLU B 417 -9.12 31.93 14.47
N ALA B 418 -9.06 31.66 15.77
CA ALA B 418 -9.49 32.61 16.78
C ALA B 418 -9.04 32.10 18.15
N GLY B 419 -9.21 32.96 19.16
CA GLY B 419 -8.92 32.62 20.53
C GLY B 419 -10.09 31.95 21.21
N GLU B 420 -9.86 31.54 22.46
CA GLU B 420 -10.83 30.78 23.26
C GLU B 420 -11.00 31.47 24.61
N PRO B 421 -11.73 32.58 24.65
CA PRO B 421 -12.05 33.19 25.96
C PRO B 421 -13.12 32.38 26.67
N ALA B 422 -12.86 32.08 27.94
CA ALA B 422 -13.75 31.33 28.82
C ALA B 422 -13.83 32.03 30.17
N LYS B 423 -14.07 33.33 30.14
CA LYS B 423 -13.95 34.16 31.33
C LYS B 423 -15.16 34.01 32.25
N GLU B 424 -16.35 33.79 31.70
CA GLU B 424 -17.58 33.74 32.48
C GLU B 424 -18.51 32.69 31.88
N ARG B 425 -19.45 32.24 32.73
CA ARG B 425 -20.42 31.22 32.36
C ARG B 425 -21.70 31.88 31.86
N ALA B 426 -22.21 31.39 30.74
CA ALA B 426 -23.43 31.94 30.15
C ALA B 426 -24.67 31.46 30.89
N LEU B 427 -25.70 32.30 30.88
CA LEU B 427 -26.96 31.96 31.54
C LEU B 427 -27.84 31.08 30.67
N GLY B 428 -27.77 31.24 29.35
CA GLY B 428 -28.50 30.41 28.42
C GLY B 428 -29.79 30.96 27.88
N ARG B 429 -29.98 32.29 27.91
CA ARG B 429 -31.19 32.90 27.34
C ARG B 429 -30.99 33.03 25.83
N VAL B 430 -31.25 31.93 25.14
CA VAL B 430 -31.04 31.84 23.71
C VAL B 430 -32.27 32.38 22.98
N GLU B 431 -32.03 33.02 21.84
CA GLU B 431 -33.13 33.51 21.01
C GLU B 431 -32.64 33.68 19.59
N PHE B 432 -33.60 33.75 18.67
CA PHE B 432 -33.35 33.78 17.23
C PHE B 432 -34.30 34.78 16.60
N ARG B 433 -33.83 35.48 15.57
CA ARG B 433 -34.61 36.52 14.88
C ARG B 433 -34.33 36.43 13.39
N ASP B 434 -35.35 36.01 12.62
CA ASP B 434 -35.31 35.95 11.16
C ASP B 434 -34.19 35.05 10.65
N VAL B 435 -33.89 33.99 11.41
CA VAL B 435 -32.77 33.11 11.08
C VAL B 435 -33.11 32.31 9.82
N SER B 436 -32.32 32.51 8.76
CA SER B 436 -32.42 31.76 7.53
C SER B 436 -31.03 31.39 7.08
N PHE B 437 -30.78 30.09 6.90
CA PHE B 437 -29.46 29.56 6.54
C PHE B 437 -29.63 28.57 5.39
N ALA B 438 -28.98 28.88 4.27
CA ALA B 438 -28.98 28.05 3.06
C ALA B 438 -27.62 27.37 2.96
N TYR B 439 -27.56 26.11 3.38
CA TYR B 439 -26.29 25.38 3.31
C TYR B 439 -25.96 25.03 1.88
N GLN B 440 -26.86 24.35 1.20
CA GLN B 440 -26.92 24.43 -0.25
C GLN B 440 -27.38 25.82 -0.62
N GLU B 441 -26.54 26.55 -1.38
CA GLU B 441 -26.83 27.94 -1.71
C GLU B 441 -28.16 28.09 -2.44
N GLY B 442 -28.48 27.15 -3.31
CA GLY B 442 -29.77 27.20 -4.00
C GLY B 442 -30.93 26.85 -3.09
N GLU B 443 -30.82 25.77 -2.34
CA GLU B 443 -31.92 25.24 -1.53
C GLU B 443 -31.94 25.89 -0.15
N GLU B 444 -33.06 26.54 0.18
CA GLU B 444 -33.26 27.10 1.51
C GLU B 444 -33.66 25.99 2.48
N VAL B 445 -32.86 25.81 3.53
CA VAL B 445 -33.07 24.74 4.51
C VAL B 445 -33.86 25.24 5.71
N LEU B 446 -33.62 26.49 6.12
CA LEU B 446 -34.34 27.15 7.21
C LEU B 446 -35.00 28.43 6.71
N LYS B 447 -36.30 28.53 6.96
CA LYS B 447 -37.16 29.56 6.37
C LYS B 447 -37.67 30.47 7.48
N HIS B 448 -36.82 31.43 7.86
CA HIS B 448 -37.19 32.51 8.78
C HIS B 448 -37.57 31.98 10.16
N ILE B 449 -36.82 31.00 10.65
CA ILE B 449 -37.08 30.47 11.97
C ILE B 449 -36.72 31.52 13.03
N SER B 450 -37.53 31.59 14.08
CA SER B 450 -37.33 32.55 15.15
C SER B 450 -38.08 32.10 16.39
N PHE B 451 -37.35 31.84 17.47
CA PHE B 451 -37.97 31.47 18.73
C PHE B 451 -37.04 31.84 19.88
N THR B 452 -37.64 32.26 20.99
CA THR B 452 -36.92 32.76 22.16
C THR B 452 -36.95 31.70 23.26
N ALA B 453 -35.80 31.05 23.46
CA ALA B 453 -35.67 30.12 24.58
C ALA B 453 -35.63 30.88 25.90
N GLN B 454 -36.25 30.29 26.92
CA GLN B 454 -36.29 30.90 28.24
C GLN B 454 -35.00 30.62 29.00
N LYS B 455 -34.85 31.30 30.14
CA LYS B 455 -33.67 31.15 30.99
C LYS B 455 -33.77 29.81 31.70
N GLY B 456 -33.32 28.78 31.01
CA GLY B 456 -33.44 27.43 31.49
C GLY B 456 -34.82 26.86 31.24
N GLU B 457 -34.89 25.54 31.26
CA GLU B 457 -36.12 24.78 31.01
C GLU B 457 -36.56 24.92 29.55
N THR B 458 -35.60 25.13 28.64
CA THR B 458 -35.85 25.21 27.20
C THR B 458 -35.58 23.79 26.71
N VAL B 459 -36.68 23.08 26.45
CA VAL B 459 -36.67 21.70 26.02
C VAL B 459 -37.48 21.55 24.72
N ALA B 460 -37.68 22.66 24.00
CA ALA B 460 -38.55 22.74 22.82
C ALA B 460 -37.85 22.40 21.50
N LEU B 461 -37.78 21.11 21.17
CA LEU B 461 -37.29 20.75 19.85
C LEU B 461 -37.92 19.43 19.40
N VAL B 462 -38.31 19.37 18.13
CA VAL B 462 -38.90 18.17 17.52
C VAL B 462 -38.68 18.25 16.02
N GLY B 463 -38.34 17.11 15.42
CA GLY B 463 -38.22 17.04 13.98
C GLY B 463 -39.56 17.07 13.28
N HIS B 464 -39.52 17.32 11.96
CA HIS B 464 -40.74 17.38 11.15
C HIS B 464 -41.29 15.98 10.93
N THR B 465 -41.96 15.47 11.96
CA THR B 465 -42.50 14.11 11.96
C THR B 465 -41.40 13.05 11.85
N GLY B 466 -40.23 13.37 12.39
CA GLY B 466 -39.09 12.48 12.29
C GLY B 466 -38.36 12.56 10.96
N SER B 467 -37.02 12.57 11.04
CA SER B 467 -36.12 12.66 9.89
C SER B 467 -36.47 13.80 8.92
N GLY B 468 -36.82 14.97 9.49
CA GLY B 468 -36.97 16.18 8.72
C GLY B 468 -36.39 17.43 9.35
N LYS B 469 -35.36 18.00 8.71
CA LYS B 469 -34.85 19.35 8.97
C LYS B 469 -34.43 19.60 10.42
N SER B 470 -34.08 18.55 11.16
CA SER B 470 -33.87 18.64 12.61
C SER B 470 -32.41 18.83 12.99
N SER B 471 -31.55 17.87 12.64
CA SER B 471 -30.15 17.84 13.10
C SER B 471 -29.36 19.07 12.68
N ILE B 472 -29.72 19.69 11.55
CA ILE B 472 -29.07 20.93 11.10
C ILE B 472 -29.17 22.08 12.10
N LEU B 473 -30.13 22.04 13.01
CA LEU B 473 -30.20 23.08 14.03
C LEU B 473 -29.08 22.94 15.04
N ASN B 474 -28.61 21.71 15.28
CA ASN B 474 -27.37 21.56 16.04
C ASN B 474 -26.21 22.24 15.33
N LEU B 475 -26.19 22.15 14.00
CA LEU B 475 -25.18 22.83 13.21
C LEU B 475 -25.41 24.33 13.09
N LEU B 476 -26.65 24.78 13.32
CA LEU B 476 -27.02 26.18 13.08
C LEU B 476 -26.21 27.15 13.94
N PHE B 477 -25.94 26.77 15.18
CA PHE B 477 -25.45 27.76 16.14
C PHE B 477 -24.04 28.21 15.81
N ARG B 478 -23.14 27.27 15.62
CA ARG B 478 -21.69 27.47 15.66
C ARG B 478 -20.96 27.02 14.40
N PHE B 479 -21.33 25.87 13.85
CA PHE B 479 -20.59 25.34 12.69
C PHE B 479 -20.85 26.16 11.43
N TYR B 480 -22.04 26.71 11.28
CA TYR B 480 -22.39 27.60 10.17
C TYR B 480 -23.02 28.86 10.74
N ASP B 481 -22.51 30.02 10.32
CA ASP B 481 -22.86 31.28 10.94
C ASP B 481 -22.78 32.42 9.94
N ALA B 482 -23.57 33.47 10.21
CA ALA B 482 -23.50 34.76 9.52
C ALA B 482 -23.95 34.65 8.06
N GLN B 483 -25.04 33.91 7.82
CA GLN B 483 -25.73 33.87 6.54
C GLN B 483 -26.81 34.94 6.48
N LYS B 484 -27.82 34.83 7.34
CA LYS B 484 -28.92 35.79 7.39
C LYS B 484 -29.60 35.66 8.74
N GLY B 485 -30.26 36.73 9.15
CA GLY B 485 -30.91 36.77 10.44
C GLY B 485 -29.90 37.02 11.55
N ASP B 486 -30.28 36.62 12.77
CA ASP B 486 -29.37 36.74 13.89
C ASP B 486 -29.81 35.80 15.00
N VAL B 487 -28.85 35.43 15.84
CA VAL B 487 -29.07 34.54 16.98
C VAL B 487 -28.28 35.10 18.15
N LEU B 488 -28.96 35.25 19.29
CA LEU B 488 -28.41 35.88 20.49
C LEU B 488 -28.45 34.89 21.64
N ILE B 489 -27.49 35.05 22.55
CA ILE B 489 -27.44 34.32 23.82
C ILE B 489 -27.23 35.34 24.91
N ASP B 490 -28.20 35.49 25.81
CA ASP B 490 -28.13 36.43 26.93
C ASP B 490 -27.97 37.86 26.43
N GLY B 491 -28.63 38.19 25.32
CA GLY B 491 -28.62 39.55 24.83
C GLY B 491 -27.39 39.99 24.09
N LYS B 492 -26.55 39.05 23.65
CA LYS B 492 -25.35 39.33 22.86
C LYS B 492 -25.28 38.37 21.69
N SER B 493 -24.76 38.89 20.58
CA SER B 493 -24.83 38.17 19.31
C SER B 493 -23.93 36.95 19.32
N ILE B 494 -24.39 35.92 18.63
CA ILE B 494 -23.59 34.71 18.46
C ILE B 494 -22.47 34.97 17.46
N TYR B 495 -22.70 35.82 16.47
CA TYR B 495 -21.73 35.98 15.39
C TYR B 495 -20.58 36.87 15.81
N ASN B 496 -20.83 37.86 16.66
CA ASN B 496 -19.75 38.76 17.08
C ASN B 496 -18.76 38.04 17.98
N MET B 497 -19.26 37.15 18.84
CA MET B 497 -18.37 36.43 19.75
C MET B 497 -17.49 35.45 19.00
N SER B 498 -16.38 35.10 19.62
CA SER B 498 -15.51 34.07 19.08
C SER B 498 -16.26 32.74 19.09
N ARG B 499 -15.99 31.92 18.09
CA ARG B 499 -16.70 30.65 17.96
C ARG B 499 -16.33 29.70 19.11
N GLN B 500 -15.07 29.74 19.54
CA GLN B 500 -14.68 28.96 20.70
C GLN B 500 -15.35 29.45 21.97
N GLU B 501 -15.66 30.75 22.03
CA GLU B 501 -16.44 31.26 23.15
C GLU B 501 -17.86 30.69 23.15
N LEU B 502 -18.43 30.49 21.97
CA LEU B 502 -19.72 29.79 21.88
C LEU B 502 -19.58 28.35 22.37
N ARG B 503 -18.55 27.66 21.88
CA ARG B 503 -18.33 26.27 22.25
C ARG B 503 -17.81 26.10 23.67
N SER B 504 -17.41 27.17 24.35
CA SER B 504 -16.82 27.07 25.68
C SER B 504 -17.78 26.51 26.73
N HIS B 505 -19.09 26.67 26.51
CA HIS B 505 -20.12 26.26 27.47
C HIS B 505 -21.17 25.32 26.91
N MET B 506 -21.19 25.07 25.60
CA MET B 506 -22.10 24.11 25.00
C MET B 506 -21.59 22.69 25.20
N GLY B 507 -22.52 21.73 25.19
CA GLY B 507 -22.18 20.33 25.23
C GLY B 507 -23.21 19.45 24.56
N ILE B 508 -22.77 18.65 23.60
CA ILE B 508 -23.64 17.96 22.64
C ILE B 508 -23.35 16.47 22.67
N VAL B 509 -24.42 15.68 22.73
CA VAL B 509 -24.38 14.24 22.54
C VAL B 509 -24.87 13.94 21.13
N LEU B 510 -24.01 13.32 20.34
CA LEU B 510 -24.38 12.96 18.98
C LEU B 510 -25.29 11.75 18.95
N GLN B 511 -25.95 11.57 17.82
CA GLN B 511 -26.68 10.33 17.53
C GLN B 511 -25.77 9.12 17.54
N ASP B 512 -24.51 9.29 17.17
CA ASP B 512 -23.48 8.23 17.18
C ASP B 512 -22.27 8.72 17.97
N PRO B 513 -22.34 8.73 19.30
CA PRO B 513 -21.18 9.18 20.09
C PRO B 513 -19.95 8.32 19.87
N TYR B 514 -18.89 8.96 19.37
CA TYR B 514 -17.64 8.27 19.10
C TYR B 514 -16.86 8.13 20.40
N LEU B 515 -16.59 6.89 20.79
CA LEU B 515 -15.85 6.61 22.00
C LEU B 515 -14.36 6.70 21.68
N PHE B 516 -13.69 7.70 22.24
CA PHE B 516 -12.29 7.91 21.98
C PHE B 516 -11.44 6.79 22.57
N SER B 517 -10.22 6.68 22.05
CA SER B 517 -9.31 5.65 22.51
C SER B 517 -8.79 6.00 23.90
N GLY B 518 -8.01 5.08 24.44
CA GLY B 518 -7.44 5.24 25.77
C GLY B 518 -8.41 4.79 26.85
N THR B 519 -8.18 5.30 28.05
CA THR B 519 -9.02 4.94 29.18
C THR B 519 -10.38 5.60 29.08
N ILE B 520 -11.34 5.04 29.83
CA ILE B 520 -12.67 5.65 29.91
C ILE B 520 -12.58 7.00 30.59
N GLY B 521 -11.66 7.17 31.53
CA GLY B 521 -11.41 8.49 32.06
C GLY B 521 -10.82 9.41 31.02
N SER B 522 -9.93 8.89 30.19
CA SER B 522 -9.43 9.67 29.06
C SER B 522 -10.52 9.89 28.01
N ASN B 523 -11.40 8.92 27.83
CA ASN B 523 -12.49 9.08 26.88
C ASN B 523 -13.45 10.17 27.31
N VAL B 524 -13.67 10.31 28.62
CA VAL B 524 -14.55 11.36 29.13
C VAL B 524 -13.82 12.70 29.13
N SER B 525 -12.73 12.79 29.87
CA SER B 525 -12.04 14.06 30.04
C SER B 525 -11.26 14.51 28.82
N LEU B 526 -10.94 13.58 27.90
CA LEU B 526 -10.13 13.88 26.73
C LEU B 526 -8.73 14.37 27.11
N ASP B 527 -8.22 13.88 28.24
CA ASP B 527 -6.89 14.23 28.76
C ASP B 527 -6.76 15.73 28.99
N ASP B 528 -7.82 16.34 29.54
CA ASP B 528 -7.78 17.74 29.90
C ASP B 528 -6.77 17.94 31.03
N GLU B 529 -5.89 18.92 30.87
CA GLU B 529 -4.79 19.10 31.81
C GLU B 529 -5.30 19.62 33.15
N ARG B 530 -6.19 20.62 33.13
CA ARG B 530 -6.70 21.17 34.37
C ARG B 530 -7.59 20.17 35.12
N MET B 531 -8.25 19.27 34.41
CA MET B 531 -9.30 18.42 34.97
C MET B 531 -8.79 17.03 35.35
N THR B 532 -7.56 16.93 35.82
CA THR B 532 -6.99 15.62 36.14
C THR B 532 -7.65 15.02 37.39
N GLU B 533 -7.51 15.69 38.54
CA GLU B 533 -8.16 15.21 39.76
C GLU B 533 -9.66 15.47 39.71
N GLU B 534 -10.08 16.54 39.05
CA GLU B 534 -11.50 16.82 38.91
C GLU B 534 -12.20 15.75 38.05
N GLU B 535 -11.46 15.08 37.17
CA GLU B 535 -12.03 13.95 36.46
C GLU B 535 -12.40 12.84 37.43
N ILE B 536 -11.56 12.58 38.44
CA ILE B 536 -11.90 11.57 39.42
C ILE B 536 -13.04 12.06 40.30
N LYS B 537 -13.04 13.35 40.64
CA LYS B 537 -14.10 13.92 41.45
C LYS B 537 -15.45 13.83 40.75
N ASN B 538 -15.44 14.00 39.42
CA ASN B 538 -16.65 13.81 38.63
C ASN B 538 -16.95 12.34 38.39
N ALA B 539 -15.93 11.49 38.39
CA ALA B 539 -16.17 10.05 38.29
C ALA B 539 -16.91 9.52 39.50
N LEU B 540 -16.66 10.11 40.66
CA LEU B 540 -17.45 9.81 41.85
C LEU B 540 -18.93 10.13 41.60
N ARG B 541 -19.20 11.30 41.02
CA ARG B 541 -20.58 11.67 40.69
C ARG B 541 -21.17 10.73 39.65
N GLN B 542 -20.35 10.31 38.68
CA GLN B 542 -20.83 9.42 37.63
C GLN B 542 -21.21 8.06 38.20
N VAL B 543 -20.35 7.48 39.04
CA VAL B 543 -20.64 6.18 39.63
C VAL B 543 -21.81 6.30 40.60
N GLY B 544 -21.97 7.46 41.25
CA GLY B 544 -23.13 7.66 42.10
C GLY B 544 -24.42 7.73 41.31
N ALA B 545 -24.38 8.43 40.16
CA ALA B 545 -25.57 8.60 39.33
C ALA B 545 -25.77 7.40 38.40
N GLU B 546 -24.74 7.06 37.63
CA GLU B 546 -24.72 5.94 36.70
C GLU B 546 -23.66 4.95 37.16
N PRO B 547 -23.98 4.00 38.05
CA PRO B 547 -22.93 3.09 38.54
C PRO B 547 -22.37 2.18 37.47
N LEU B 548 -21.12 1.77 37.68
CA LEU B 548 -20.42 0.89 36.76
C LEU B 548 -20.93 -0.53 36.96
N LEU B 549 -21.87 -0.94 36.10
CA LEU B 549 -22.40 -2.30 36.21
C LEU B 549 -21.35 -3.32 35.78
N LYS B 550 -20.55 -2.98 34.76
CA LYS B 550 -19.48 -3.88 34.35
C LYS B 550 -18.37 -3.92 35.40
N LYS B 551 -17.73 -2.77 35.64
CA LYS B 551 -16.64 -2.62 36.60
C LYS B 551 -15.53 -3.66 36.37
N LEU B 552 -14.96 -3.62 35.16
CA LEU B 552 -13.90 -4.57 34.84
C LEU B 552 -12.59 -4.31 35.60
N PRO B 553 -12.03 -3.09 35.64
CA PRO B 553 -10.78 -2.86 36.38
C PRO B 553 -10.94 -2.24 37.76
N LYS B 554 -12.16 -2.00 38.24
CA LYS B 554 -12.40 -1.45 39.57
C LYS B 554 -11.81 -0.03 39.69
N GLY B 555 -12.07 0.79 38.67
CA GLY B 555 -11.65 2.18 38.70
C GLY B 555 -12.09 2.96 37.47
N ILE B 556 -11.14 3.66 36.84
CA ILE B 556 -11.36 4.37 35.57
C ILE B 556 -10.30 3.97 34.54
N ASN B 557 -9.58 2.88 34.77
CA ASN B 557 -8.48 2.47 33.91
C ASN B 557 -8.91 1.54 32.78
N GLU B 558 -10.20 1.41 32.52
CA GLU B 558 -10.65 0.50 31.48
C GLU B 558 -10.28 1.06 30.12
N PRO B 559 -9.43 0.41 29.31
CA PRO B 559 -9.13 0.97 28.00
C PRO B 559 -10.25 0.71 27.01
N VAL B 560 -10.60 1.74 26.24
CA VAL B 560 -11.61 1.61 25.21
C VAL B 560 -10.96 0.95 24.00
N ILE B 561 -11.55 -0.14 23.54
CA ILE B 561 -10.93 -1.01 22.55
C ILE B 561 -11.37 -0.58 21.16
N GLU B 562 -12.69 -0.61 20.92
CA GLU B 562 -13.27 -0.30 19.62
C GLU B 562 -13.70 1.16 19.59
N LYS B 563 -14.21 1.59 18.43
CA LYS B 563 -14.62 2.98 18.26
C LYS B 563 -15.93 3.26 18.97
N GLY B 564 -16.82 2.27 19.08
CA GLY B 564 -18.09 2.48 19.74
C GLY B 564 -18.84 1.20 20.06
N SER B 565 -19.60 1.23 21.16
CA SER B 565 -20.43 0.11 21.60
C SER B 565 -19.60 -1.15 21.87
N THR B 566 -18.45 -0.96 22.53
CA THR B 566 -17.61 -2.09 22.90
C THR B 566 -18.32 -2.95 23.94
N LEU B 567 -18.89 -2.31 24.96
CA LEU B 567 -19.60 -2.98 26.05
C LEU B 567 -21.09 -3.09 25.74
N SER B 568 -21.74 -1.96 25.51
CA SER B 568 -23.17 -1.92 25.23
C SER B 568 -23.51 -0.57 24.64
N SER B 569 -24.59 -0.54 23.88
CA SER B 569 -25.05 0.71 23.27
C SER B 569 -25.49 1.70 24.33
N GLY B 570 -26.01 1.23 25.46
CA GLY B 570 -26.42 2.13 26.51
C GLY B 570 -25.26 2.81 27.19
N GLU B 571 -24.14 2.09 27.35
CA GLU B 571 -22.98 2.67 28.03
C GLU B 571 -22.38 3.82 27.24
N ARG B 572 -22.53 3.81 25.92
CA ARG B 572 -22.10 4.91 25.08
C ARG B 572 -22.81 6.20 25.47
N GLN B 573 -24.13 6.14 25.59
CA GLN B 573 -24.90 7.31 26.02
C GLN B 573 -24.54 7.73 27.43
N LEU B 574 -24.28 6.76 28.31
CA LEU B 574 -23.87 7.08 29.68
C LEU B 574 -22.59 7.88 29.69
N ILE B 575 -21.61 7.44 28.89
CA ILE B 575 -20.34 8.13 28.81
C ILE B 575 -20.54 9.52 28.21
N SER B 576 -21.44 9.63 27.23
CA SER B 576 -21.68 10.92 26.58
C SER B 576 -22.31 11.92 27.55
N PHE B 577 -23.37 11.52 28.26
CA PHE B 577 -23.97 12.41 29.26
C PHE B 577 -23.01 12.72 30.39
N ALA B 578 -22.17 11.76 30.76
CA ALA B 578 -21.16 12.02 31.79
C ALA B 578 -20.18 13.09 31.33
N ARG B 579 -19.72 12.99 30.09
CA ARG B 579 -18.86 14.01 29.51
C ARG B 579 -19.57 15.35 29.43
N ALA B 580 -20.87 15.34 29.16
CA ALA B 580 -21.63 16.59 29.10
C ALA B 580 -21.70 17.25 30.46
N LEU B 581 -22.06 16.47 31.49
CA LEU B 581 -22.18 17.02 32.84
C LEU B 581 -20.83 17.41 33.41
N ALA B 582 -19.74 16.80 32.94
CA ALA B 582 -18.43 17.12 33.48
C ALA B 582 -18.03 18.54 33.10
N PHE B 583 -18.22 18.91 31.84
CA PHE B 583 -17.68 20.18 31.36
C PHE B 583 -18.54 21.36 31.80
N ASP B 584 -19.80 21.40 31.35
CA ASP B 584 -20.68 22.53 31.63
C ASP B 584 -22.14 22.13 31.39
N PRO B 585 -23.06 22.30 32.39
CA PRO B 585 -24.49 22.14 32.08
C PRO B 585 -25.17 23.43 31.62
N ALA B 586 -24.38 24.42 31.20
CA ALA B 586 -24.93 25.75 30.91
C ALA B 586 -25.83 25.72 29.69
N ILE B 587 -25.37 25.15 28.58
CA ILE B 587 -26.17 24.92 27.40
C ILE B 587 -25.84 23.51 26.90
N LEU B 588 -26.85 22.78 26.43
CA LEU B 588 -26.60 21.44 25.95
C LEU B 588 -27.75 20.95 25.08
N ILE B 589 -27.39 20.19 24.05
CA ILE B 589 -28.31 19.66 23.03
C ILE B 589 -28.08 18.17 22.94
N LEU B 590 -29.06 17.39 23.38
CA LEU B 590 -28.95 15.94 23.40
C LEU B 590 -29.33 15.35 22.06
N ASP B 591 -29.01 14.07 21.90
CA ASP B 591 -29.31 13.34 20.68
C ASP B 591 -30.81 13.14 20.51
N GLN B 592 -31.16 12.59 19.35
CA GLN B 592 -32.54 12.26 19.01
C GLN B 592 -32.94 10.83 19.42
N ALA B 593 -31.97 9.95 19.67
CA ALA B 593 -32.23 8.58 20.18
C ALA B 593 -33.12 7.76 19.25
N THR B 594 -33.08 8.03 17.94
CA THR B 594 -33.86 7.24 16.99
C THR B 594 -33.25 5.86 16.76
N ALA B 595 -31.92 5.79 16.65
CA ALA B 595 -31.24 4.52 16.36
C ALA B 595 -31.43 3.50 17.48
N HIS B 596 -31.59 3.95 18.73
CA HIS B 596 -31.70 3.03 19.85
C HIS B 596 -32.97 2.18 19.76
N ILE B 597 -32.91 1.00 20.40
CA ILE B 597 -33.94 -0.03 20.29
C ILE B 597 -35.06 0.12 21.32
N ASP B 598 -34.88 0.95 22.36
CA ASP B 598 -35.85 1.10 23.46
C ASP B 598 -35.90 -0.17 24.31
N THR B 599 -34.74 -0.66 24.69
CA THR B 599 -34.63 -1.74 25.66
C THR B 599 -34.85 -1.19 27.07
N GLU B 600 -34.73 -2.06 28.07
CA GLU B 600 -34.82 -1.61 29.46
C GLU B 600 -33.67 -0.69 29.83
N THR B 601 -32.50 -0.88 29.23
CA THR B 601 -31.34 -0.05 29.52
C THR B 601 -31.59 1.42 29.17
N GLU B 602 -32.41 1.69 28.15
CA GLU B 602 -32.82 3.06 27.84
C GLU B 602 -33.48 3.74 29.02
N ALA B 603 -34.21 2.99 29.85
CA ALA B 603 -34.79 3.56 31.06
C ALA B 603 -33.72 4.15 31.97
N VAL B 604 -32.56 3.49 32.06
CA VAL B 604 -31.44 4.06 32.81
C VAL B 604 -31.00 5.35 32.14
N ILE B 605 -30.94 5.36 30.81
CA ILE B 605 -30.66 6.60 30.09
C ILE B 605 -31.76 7.61 30.36
N GLN B 606 -33.00 7.15 30.51
CA GLN B 606 -34.08 8.06 30.86
C GLN B 606 -33.83 8.68 32.23
N LYS B 607 -33.32 7.89 33.18
CA LYS B 607 -32.94 8.45 34.47
C LYS B 607 -31.81 9.45 34.29
N ALA B 608 -30.88 9.15 33.37
CA ALA B 608 -29.83 10.11 33.07
C ALA B 608 -30.40 11.39 32.47
N LEU B 609 -31.44 11.27 31.63
CA LEU B 609 -32.13 12.46 31.15
C LEU B 609 -32.73 13.23 32.32
N ASP B 610 -33.31 12.50 33.28
CA ASP B 610 -33.85 13.16 34.47
C ASP B 610 -32.76 13.83 35.29
N VAL B 611 -31.52 13.37 35.17
CA VAL B 611 -30.39 14.11 35.73
C VAL B 611 -29.99 15.23 34.78
N VAL B 612 -29.90 14.93 33.49
CA VAL B 612 -29.27 15.84 32.56
C VAL B 612 -30.17 17.04 32.29
N LYS B 613 -31.48 16.86 32.38
CA LYS B 613 -32.40 17.99 32.28
C LYS B 613 -32.42 18.89 33.51
N GLN B 614 -31.71 18.52 34.59
CA GLN B 614 -31.57 19.45 35.70
C GLN B 614 -30.73 20.67 35.34
N GLY B 615 -29.86 20.55 34.34
CA GLY B 615 -29.05 21.67 33.93
C GLY B 615 -29.87 22.74 33.23
N ARG B 616 -29.14 23.68 32.65
CA ARG B 616 -29.71 24.90 32.07
C ARG B 616 -29.87 24.72 30.57
N THR B 617 -31.11 24.86 30.10
CA THR B 617 -31.42 24.99 28.68
C THR B 617 -30.98 23.76 27.89
N THR B 618 -31.65 22.64 28.20
CA THR B 618 -31.33 21.35 27.63
C THR B 618 -32.25 21.08 26.43
N PHE B 619 -31.77 21.47 25.26
CA PHE B 619 -32.45 21.13 24.02
C PHE B 619 -32.47 19.63 23.80
N VAL B 620 -33.59 19.12 23.27
CA VAL B 620 -33.76 17.69 23.06
C VAL B 620 -34.68 17.47 21.86
N ILE B 621 -34.17 16.83 20.82
CA ILE B 621 -35.01 16.47 19.69
C ILE B 621 -35.96 15.36 20.18
N ALA B 622 -37.16 15.74 20.63
CA ALA B 622 -38.09 14.80 21.24
C ALA B 622 -38.69 13.85 20.23
N HIS B 623 -37.89 12.87 19.77
CA HIS B 623 -38.41 11.81 18.90
C HIS B 623 -39.12 10.73 19.71
N ARG B 624 -38.58 10.39 20.87
CA ARG B 624 -39.19 9.38 21.73
C ARG B 624 -40.45 9.92 22.41
N LEU B 625 -41.40 9.01 22.65
CA LEU B 625 -42.65 9.38 23.31
C LEU B 625 -42.40 9.95 24.71
N SER B 626 -41.51 9.31 25.48
CA SER B 626 -41.21 9.80 26.82
C SER B 626 -40.58 11.19 26.79
N THR B 627 -39.68 11.43 25.84
CA THR B 627 -39.10 12.76 25.68
C THR B 627 -40.17 13.77 25.29
N ILE B 628 -41.11 13.37 24.43
CA ILE B 628 -42.20 14.27 24.05
C ILE B 628 -43.04 14.64 25.27
N ARG B 629 -43.50 13.64 26.03
CA ARG B 629 -44.43 13.93 27.11
C ARG B 629 -43.75 14.65 28.28
N ASN B 630 -42.51 14.27 28.61
CA ASN B 630 -41.81 14.88 29.73
C ASN B 630 -41.20 16.24 29.42
N ALA B 631 -41.40 16.77 28.21
CA ALA B 631 -40.81 18.06 27.86
C ALA B 631 -41.54 19.20 28.53
N ASP B 632 -40.77 20.21 28.95
CA ASP B 632 -41.38 21.42 29.51
C ASP B 632 -42.05 22.24 28.42
N GLN B 633 -41.39 22.38 27.27
CA GLN B 633 -41.94 23.02 26.09
C GLN B 633 -41.60 22.17 24.88
N ILE B 634 -42.40 22.33 23.83
CA ILE B 634 -42.28 21.57 22.59
C ILE B 634 -42.47 22.54 21.44
N LEU B 635 -41.66 22.36 20.38
CA LEU B 635 -41.65 23.24 19.21
C LEU B 635 -41.42 22.39 17.97
N VAL B 636 -42.51 21.99 17.30
CA VAL B 636 -42.45 21.26 16.04
C VAL B 636 -42.32 22.28 14.91
N LEU B 637 -41.48 21.95 13.94
CA LEU B 637 -41.13 22.83 12.83
C LEU B 637 -41.80 22.37 11.53
N ASP B 638 -42.28 23.34 10.76
CA ASP B 638 -42.85 23.10 9.43
C ASP B 638 -41.81 23.38 8.35
N LYS B 639 -40.84 22.47 8.27
CA LYS B 639 -39.76 22.52 7.27
C LYS B 639 -38.89 23.77 7.44
N GLY B 640 -38.44 24.00 8.67
CA GLY B 640 -37.74 25.21 9.06
C GLY B 640 -38.63 26.34 9.51
N GLU B 641 -39.87 26.40 9.02
CA GLU B 641 -40.87 27.27 9.61
C GLU B 641 -41.34 26.67 10.92
N ILE B 642 -42.15 27.43 11.65
CA ILE B 642 -42.64 27.07 12.99
C ILE B 642 -44.11 26.73 12.87
N VAL B 643 -44.47 25.52 13.30
CA VAL B 643 -45.88 25.12 13.38
C VAL B 643 -46.54 25.93 14.49
N GLU B 644 -46.12 25.71 15.72
CA GLU B 644 -46.60 26.45 16.89
C GLU B 644 -45.68 26.07 18.05
N ARG B 645 -46.04 26.51 19.26
CA ARG B 645 -45.29 26.25 20.47
C ARG B 645 -46.25 25.85 21.57
N GLY B 646 -45.92 24.77 22.27
CA GLY B 646 -46.72 24.28 23.38
C GLY B 646 -46.71 22.77 23.50
N ASN B 647 -46.48 22.27 24.71
CA ASN B 647 -46.48 20.83 24.92
C ASN B 647 -47.88 20.25 24.78
N HIS B 648 -48.90 20.98 25.24
CA HIS B 648 -50.29 20.58 25.13
C HIS B 648 -51.02 21.24 23.96
N GLU B 649 -50.55 22.42 23.53
CA GLU B 649 -51.20 23.10 22.42
C GLU B 649 -51.03 22.31 21.13
N GLU B 650 -49.86 21.73 20.92
CA GLU B 650 -49.66 20.84 19.77
C GLU B 650 -50.51 19.58 19.91
N LEU B 651 -50.67 19.09 21.14
CA LEU B 651 -51.52 17.93 21.36
C LEU B 651 -52.97 18.25 21.10
N MET B 652 -53.41 19.46 21.48
CA MET B 652 -54.80 19.84 21.28
C MET B 652 -55.09 20.09 19.82
N ALA B 653 -54.27 20.92 19.16
CA ALA B 653 -54.54 21.29 17.78
C ALA B 653 -54.27 20.13 16.83
N LEU B 654 -53.02 19.66 16.79
CA LEU B 654 -52.58 18.60 15.87
C LEU B 654 -52.46 17.31 16.67
N GLU B 655 -53.58 16.60 16.80
CA GLU B 655 -53.54 15.28 17.44
C GLU B 655 -52.82 14.26 16.56
N GLY B 656 -52.80 14.47 15.23
CA GLY B 656 -52.17 13.52 14.35
C GLY B 656 -50.67 13.40 14.55
N GLN B 657 -50.01 14.48 14.97
CA GLN B 657 -48.57 14.45 15.17
C GLN B 657 -48.21 13.53 16.33
N TYR B 658 -48.85 13.74 17.48
CA TYR B 658 -48.58 12.92 18.65
C TYR B 658 -49.00 11.48 18.41
N TYR B 659 -50.10 11.27 17.70
CA TYR B 659 -50.56 9.91 17.42
C TYR B 659 -49.60 9.19 16.49
N GLN B 660 -49.10 9.89 15.47
CA GLN B 660 -48.11 9.29 14.58
C GLN B 660 -46.82 8.96 15.30
N MET B 661 -46.38 9.85 16.19
CA MET B 661 -45.16 9.55 16.96
C MET B 661 -45.40 8.42 17.96
N TYR B 662 -46.63 8.25 18.44
CA TYR B 662 -46.93 7.12 19.29
C TYR B 662 -46.93 5.82 18.49
N GLU B 663 -47.47 5.86 17.27
CA GLU B 663 -47.46 4.69 16.41
C GLU B 663 -46.04 4.27 16.05
N LEU B 664 -45.22 5.25 15.65
CA LEU B 664 -43.82 4.96 15.35
C LEU B 664 -43.06 4.54 16.60
N GLN B 665 -43.23 5.29 17.69
CA GLN B 665 -42.55 5.05 18.98
C GLN B 665 -43.59 4.83 20.07
#